data_9G9P
#
_entry.id   9G9P
#
_cell.length_a   83.884
_cell.length_b   191.681
_cell.length_c   102.087
_cell.angle_alpha   90.00
_cell.angle_beta   90.00
_cell.angle_gamma   90.00
#
_symmetry.space_group_name_H-M   'C 2 2 21'
#
loop_
_entity.id
_entity.type
_entity.pdbx_description
1 polymer 'Lipid III flippase'
2 polymer 'NB10 Nanobody'
3 polymer 'NB7 Nanobody'
#
loop_
_entity_poly.entity_id
_entity_poly.type
_entity_poly.pdbx_seq_one_letter_code
_entity_poly.pdbx_strand_id
1 'polypeptide(L)'
;MVSLAKASLWTAASTLVKIGAGLLVGKLLAVSFGPAGLGLAANFRQLITVLGVLAGAGIFNGVTKYVAQYHDNPQQLRRV
VGTSSAMVLGFSTLMALVFVLAAAPISQGLFGNTDYQGLVRLVALVQMGIAWGNLLLALMKGFRDAAGNALSLIVGSLIG
VLAYYVSYRLGGYEGALLGLALIPALVVIPAAIMLIKRGVIPLSYLKPSWDNGLAGQLSKFTLMALITSVTLPVAYIMMR
KLLAAQYSWDEVGIWQGVSSISDAYLQFITASFSVYLLPTLSRLTEKRDITREVVKSLKFVLPAVAAASFTVWLLRDFAI
WLLLSNKFTAMRDLFAWQLVGDVLKVGAYVFGYLVIAKASLRFYILAEVSQFTLLMVFAHWLIPAHGALGAAQAYMATYI
VYFSLCCGVFLLWRRRALEENLYFQ
;
A
2 'polypeptide(L)'
;MAQVQLVESGGGLVQAGGSLGLSCAASGRTFSNYVMAWFRQAPGKEREFVARISESRGTTDYADSVKGRFTISRDNAKNT
IYLQMNSLNPGDTAVYSCAATLPAWTGIIGGRRPGNYPYWGQGTQVTVSSHHHHHHEPEA
;
B
3 'polypeptide(L)'
;MAQVQLVESGGGLVQAGDSLTLSCAASGRTAYRYGMGWFRQHPGKEREFVASIWWTGTTTYYADSVKGRFTISRDDVKNM
VYLQMNSLKPEDTAVYYCAAKFYGGNSKRPGDYAYWGQGTQVTVSSHHHHHHEPEA
;
C
#
# COMPACT_ATOMS: atom_id res chain seq x y z
N ALA A 7 27.04 -23.31 -3.36
CA ALA A 7 26.93 -21.93 -2.90
C ALA A 7 25.85 -21.18 -3.66
N SER A 8 26.01 -21.11 -4.98
CA SER A 8 25.01 -20.44 -5.81
C SER A 8 23.71 -21.22 -5.86
N LEU A 9 23.75 -22.53 -5.64
CA LEU A 9 22.53 -23.31 -5.57
C LEU A 9 21.81 -23.11 -4.23
N TRP A 10 22.56 -22.77 -3.17
CA TRP A 10 21.93 -22.39 -1.92
C TRP A 10 21.17 -21.07 -2.08
N THR A 11 21.75 -20.11 -2.79
CA THR A 11 21.08 -18.86 -3.04
C THR A 11 19.80 -19.07 -3.85
N ALA A 12 19.87 -19.94 -4.86
CA ALA A 12 18.68 -20.25 -5.65
C ALA A 12 17.58 -20.87 -4.79
N ALA A 13 17.96 -21.74 -3.85
CA ALA A 13 16.97 -22.32 -2.94
C ALA A 13 16.33 -21.25 -2.06
N SER A 14 17.14 -20.34 -1.53
CA SER A 14 16.61 -19.26 -0.71
C SER A 14 15.67 -18.36 -1.51
N THR A 15 16.13 -17.91 -2.68
CA THR A 15 15.32 -17.01 -3.50
C THR A 15 14.01 -17.65 -3.92
N LEU A 16 14.00 -18.97 -4.11
CA LEU A 16 12.79 -19.66 -4.54
C LEU A 16 11.76 -19.71 -3.43
N VAL A 17 12.16 -20.15 -2.23
CA VAL A 17 11.24 -20.21 -1.11
C VAL A 17 10.76 -18.81 -0.74
N LYS A 18 11.65 -17.81 -0.85
CA LYS A 18 11.25 -16.44 -0.55
C LYS A 18 10.22 -15.93 -1.56
N ILE A 19 10.40 -16.26 -2.84
CA ILE A 19 9.46 -15.83 -3.86
C ILE A 19 8.11 -16.52 -3.65
N GLY A 20 8.13 -17.84 -3.48
CA GLY A 20 6.89 -18.57 -3.29
C GLY A 20 6.11 -18.12 -2.07
N ALA A 21 6.80 -17.88 -0.97
CA ALA A 21 6.13 -17.37 0.22
C ALA A 21 5.64 -15.95 0.02
N GLY A 22 6.43 -15.12 -0.66
CA GLY A 22 6.00 -13.76 -0.93
C GLY A 22 4.76 -13.70 -1.80
N LEU A 23 4.69 -14.56 -2.82
CA LEU A 23 3.47 -14.66 -3.61
C LEU A 23 2.32 -15.19 -2.77
N LEU A 24 2.59 -16.15 -1.88
CA LEU A 24 1.54 -16.73 -1.06
C LEU A 24 0.94 -15.67 -0.13
N VAL A 25 1.78 -14.93 0.59
CA VAL A 25 1.26 -13.90 1.48
C VAL A 25 0.68 -12.74 0.68
N GLY A 26 1.24 -12.44 -0.49
CA GLY A 26 0.68 -11.40 -1.33
C GLY A 26 -0.69 -11.79 -1.87
N LYS A 27 -0.86 -13.08 -2.18
CA LYS A 27 -2.17 -13.56 -2.63
C LYS A 27 -3.20 -13.51 -1.51
N LEU A 28 -2.83 -14.02 -0.34
CA LEU A 28 -3.76 -14.03 0.79
C LEU A 28 -4.20 -12.62 1.16
N LEU A 29 -3.26 -11.67 1.15
CA LEU A 29 -3.60 -10.28 1.45
C LEU A 29 -4.59 -9.74 0.41
N ALA A 30 -4.39 -10.09 -0.86
CA ALA A 30 -5.26 -9.58 -1.91
C ALA A 30 -6.67 -10.16 -1.80
N VAL A 31 -6.76 -11.49 -1.63
CA VAL A 31 -8.08 -12.13 -1.58
C VAL A 31 -8.87 -11.70 -0.35
N SER A 32 -8.17 -11.38 0.75
CA SER A 32 -8.85 -11.07 1.99
C SER A 32 -9.30 -9.62 2.06
N PHE A 33 -8.41 -8.68 1.72
CA PHE A 33 -8.67 -7.26 1.92
C PHE A 33 -8.83 -6.48 0.62
N GLY A 34 -8.63 -7.11 -0.53
CA GLY A 34 -8.90 -6.48 -1.80
C GLY A 34 -8.03 -5.28 -2.10
N PRO A 35 -8.39 -4.52 -3.14
CA PRO A 35 -7.55 -3.40 -3.56
C PRO A 35 -7.33 -2.34 -2.49
N ALA A 36 -8.31 -2.12 -1.60
CA ALA A 36 -8.09 -1.18 -0.51
C ALA A 36 -6.99 -1.65 0.42
N GLY A 37 -6.93 -2.96 0.68
CA GLY A 37 -5.90 -3.48 1.56
C GLY A 37 -4.53 -3.47 0.93
N LEU A 38 -4.43 -3.85 -0.35
CA LEU A 38 -3.14 -3.85 -1.03
C LEU A 38 -2.58 -2.43 -1.13
N GLY A 39 -3.45 -1.44 -1.34
CA GLY A 39 -3.01 -0.06 -1.43
C GLY A 39 -2.61 0.51 -0.09
N LEU A 40 -3.44 0.30 0.94
CA LEU A 40 -3.13 0.81 2.27
C LEU A 40 -1.88 0.18 2.84
N ALA A 41 -1.62 -1.09 2.52
CA ALA A 41 -0.48 -1.80 3.09
C ALA A 41 0.85 -1.47 2.42
N ALA A 42 0.81 -0.90 1.22
CA ALA A 42 2.03 -0.71 0.44
C ALA A 42 3.00 0.23 1.14
N ASN A 43 2.50 1.33 1.70
CA ASN A 43 3.38 2.25 2.42
C ASN A 43 3.94 1.59 3.67
N PHE A 44 3.20 0.68 4.29
CA PHE A 44 3.73 -0.04 5.44
C PHE A 44 4.78 -1.06 5.01
N ARG A 45 4.54 -1.76 3.90
CA ARG A 45 5.53 -2.69 3.39
C ARG A 45 6.78 -1.95 2.93
N GLN A 46 6.64 -0.69 2.48
CA GLN A 46 7.80 0.11 2.13
C GLN A 46 8.68 0.39 3.34
N LEU A 47 8.06 0.57 4.52
CA LEU A 47 8.84 0.84 5.72
C LEU A 47 9.59 -0.40 6.19
N ILE A 48 9.00 -1.59 6.02
CA ILE A 48 9.64 -2.82 6.48
C ILE A 48 10.90 -3.11 5.68
N THR A 49 10.81 -2.97 4.34
CA THR A 49 11.99 -3.21 3.51
C THR A 49 13.08 -2.19 3.79
N VAL A 50 12.70 -0.94 4.09
CA VAL A 50 13.67 0.06 4.50
C VAL A 50 14.35 -0.37 5.80
N LEU A 51 13.57 -0.94 6.73
CA LEU A 51 14.15 -1.45 7.97
C LEU A 51 15.14 -2.58 7.68
N GLY A 52 14.81 -3.47 6.75
CA GLY A 52 15.78 -4.44 6.30
C GLY A 52 16.99 -3.84 5.61
N VAL A 53 16.86 -2.61 5.13
CA VAL A 53 17.97 -1.89 4.51
C VAL A 53 18.69 -1.02 5.53
N LEU A 54 17.93 -0.32 6.38
CA LEU A 54 18.49 0.67 7.31
C LEU A 54 18.02 0.33 8.73
N ALA A 55 18.56 -0.75 9.27
CA ALA A 55 18.47 -1.06 10.69
C ALA A 55 19.74 -1.78 11.08
N GLY A 56 20.17 -1.58 12.32
CA GLY A 56 21.50 -2.02 12.68
C GLY A 56 22.57 -1.28 11.90
N ALA A 57 22.31 -0.01 11.60
CA ALA A 57 23.17 0.89 10.84
C ALA A 57 23.35 0.48 9.38
N GLY A 58 22.59 -0.52 8.91
CA GLY A 58 22.68 -0.92 7.51
C GLY A 58 24.10 -1.24 7.06
N ILE A 59 24.88 -1.89 7.93
CA ILE A 59 26.28 -2.17 7.67
C ILE A 59 26.52 -3.60 7.22
N PHE A 60 25.45 -4.39 7.07
CA PHE A 60 25.60 -5.84 6.90
C PHE A 60 26.23 -6.21 5.56
N ASN A 61 26.13 -5.36 4.55
CA ASN A 61 26.94 -5.56 3.35
C ASN A 61 28.41 -5.38 3.67
N GLY A 62 28.76 -4.33 4.42
CA GLY A 62 30.13 -4.14 4.85
C GLY A 62 30.58 -5.16 5.88
N VAL A 63 29.63 -5.70 6.66
CA VAL A 63 29.98 -6.75 7.62
C VAL A 63 30.50 -7.98 6.89
N THR A 64 29.71 -8.48 5.93
CA THR A 64 30.12 -9.67 5.19
C THR A 64 31.44 -9.45 4.46
N LYS A 65 31.64 -8.24 3.91
CA LYS A 65 32.86 -7.96 3.18
C LYS A 65 34.08 -8.03 4.09
N TYR A 66 33.99 -7.41 5.26
CA TYR A 66 35.15 -7.32 6.16
C TYR A 66 35.31 -8.53 7.08
N VAL A 67 34.23 -9.26 7.34
CA VAL A 67 34.36 -10.52 8.07
C VAL A 67 35.19 -11.50 7.26
N ALA A 68 34.89 -11.63 5.96
CA ALA A 68 35.68 -12.50 5.10
C ALA A 68 37.08 -11.95 4.88
N GLN A 69 37.23 -10.62 4.85
CA GLN A 69 38.55 -10.03 4.64
C GLN A 69 39.49 -10.33 5.80
N TYR A 70 38.97 -10.30 7.04
CA TYR A 70 39.78 -10.51 8.22
C TYR A 70 39.47 -11.83 8.93
N HIS A 71 38.85 -12.77 8.22
CA HIS A 71 38.50 -14.05 8.84
C HIS A 71 39.73 -14.86 9.24
N ASP A 72 40.89 -14.55 8.68
CA ASP A 72 42.12 -15.24 9.05
C ASP A 72 42.81 -14.60 10.25
N ASN A 73 42.61 -13.30 10.47
CA ASN A 73 43.21 -12.61 11.60
C ASN A 73 42.24 -12.62 12.77
N PRO A 74 42.52 -13.34 13.86
CA PRO A 74 41.53 -13.45 14.94
C PRO A 74 41.27 -12.13 15.64
N GLN A 75 42.29 -11.30 15.83
CA GLN A 75 42.09 -10.03 16.54
C GLN A 75 41.26 -9.06 15.72
N GLN A 76 41.51 -8.96 14.42
CA GLN A 76 40.75 -8.04 13.59
C GLN A 76 39.36 -8.58 13.27
N LEU A 77 39.20 -9.91 13.23
CA LEU A 77 37.88 -10.49 13.04
C LEU A 77 36.96 -10.17 14.21
N ARG A 78 37.50 -10.25 15.44
CA ARG A 78 36.69 -9.95 16.62
C ARG A 78 36.30 -8.49 16.66
N ARG A 79 37.18 -7.59 16.22
CA ARG A 79 36.86 -6.17 16.21
C ARG A 79 35.78 -5.85 15.18
N VAL A 80 35.73 -6.60 14.07
CA VAL A 80 34.71 -6.35 13.05
C VAL A 80 33.34 -6.77 13.56
N VAL A 81 33.22 -7.99 14.08
CA VAL A 81 31.95 -8.44 14.63
C VAL A 81 31.58 -7.63 15.86
N GLY A 82 32.56 -7.29 16.69
CA GLY A 82 32.27 -6.53 17.90
C GLY A 82 31.75 -5.13 17.61
N THR A 83 32.37 -4.44 16.65
CA THR A 83 31.88 -3.11 16.29
C THR A 83 30.56 -3.19 15.54
N SER A 84 30.31 -4.28 14.83
CA SER A 84 29.03 -4.45 14.13
C SER A 84 27.89 -4.62 15.12
N SER A 85 28.09 -5.45 16.15
CA SER A 85 27.06 -5.62 17.17
C SER A 85 26.78 -4.33 17.90
N ALA A 86 27.83 -3.53 18.17
CA ALA A 86 27.65 -2.25 18.82
C ALA A 86 26.77 -1.32 17.99
N MET A 87 27.05 -1.22 16.70
CA MET A 87 26.23 -0.38 15.83
C MET A 87 24.79 -0.88 15.78
N VAL A 88 24.60 -2.21 15.76
CA VAL A 88 23.25 -2.77 15.74
C VAL A 88 22.54 -2.46 17.05
N LEU A 89 23.22 -2.69 18.18
CA LEU A 89 22.60 -2.48 19.48
C LEU A 89 22.22 -1.02 19.69
N GLY A 90 23.13 -0.10 19.38
CA GLY A 90 22.84 1.31 19.57
C GLY A 90 21.72 1.80 18.65
N PHE A 91 21.76 1.40 17.38
CA PHE A 91 20.76 1.88 16.43
C PHE A 91 19.42 1.19 16.61
N SER A 92 19.41 -0.09 17.01
CA SER A 92 18.14 -0.76 17.27
C SER A 92 17.44 -0.15 18.48
N THR A 93 18.20 0.30 19.48
CA THR A 93 17.59 0.93 20.65
C THR A 93 17.09 2.33 20.31
N LEU A 94 17.89 3.12 19.59
CA LEU A 94 17.43 4.43 19.14
C LEU A 94 16.23 4.31 18.22
N MET A 95 16.22 3.29 17.36
CA MET A 95 15.05 3.05 16.51
C MET A 95 13.81 2.78 17.37
N ALA A 96 13.96 2.01 18.44
CA ALA A 96 12.82 1.73 19.31
C ALA A 96 12.26 3.01 19.92
N LEU A 97 13.14 3.89 20.40
CA LEU A 97 12.68 5.16 20.97
C LEU A 97 12.00 6.02 19.90
N VAL A 98 12.49 5.98 18.66
CA VAL A 98 11.87 6.74 17.60
C VAL A 98 10.47 6.21 17.29
N PHE A 99 10.26 4.90 17.42
CA PHE A 99 8.97 4.31 17.08
C PHE A 99 7.94 4.46 18.19
N VAL A 100 8.37 4.59 19.44
CA VAL A 100 7.41 4.74 20.53
C VAL A 100 7.01 6.20 20.75
N LEU A 101 7.88 7.15 20.41
CA LEU A 101 7.57 8.56 20.62
C LEU A 101 6.90 9.21 19.41
N ALA A 102 7.15 8.71 18.21
CA ALA A 102 6.60 9.28 16.99
C ALA A 102 5.67 8.31 16.28
N ALA A 103 4.98 7.45 17.04
CA ALA A 103 4.11 6.45 16.44
C ALA A 103 2.94 7.08 15.70
N ALA A 104 2.44 8.22 16.18
CA ALA A 104 1.31 8.88 15.54
C ALA A 104 1.74 9.61 14.27
N PRO A 105 2.80 10.43 14.30
CA PRO A 105 3.24 11.07 13.04
C PRO A 105 3.71 10.08 11.99
N ILE A 106 4.26 8.94 12.39
CA ILE A 106 4.67 7.93 11.43
C ILE A 106 3.45 7.27 10.79
N SER A 107 2.43 6.98 11.61
CA SER A 107 1.17 6.46 11.07
C SER A 107 0.56 7.45 10.09
N GLN A 108 0.62 8.75 10.42
CA GLN A 108 0.05 9.76 9.55
C GLN A 108 0.74 9.77 8.19
N GLY A 109 2.07 9.78 8.17
CA GLY A 109 2.79 9.82 6.91
C GLY A 109 2.56 8.58 6.06
N LEU A 110 2.43 7.42 6.71
CA LEU A 110 2.29 6.17 5.97
C LEU A 110 0.84 5.90 5.57
N PHE A 111 -0.11 6.17 6.46
CA PHE A 111 -1.50 5.77 6.25
C PHE A 111 -2.46 6.93 6.07
N GLY A 112 -2.06 8.15 6.37
CA GLY A 112 -2.94 9.29 6.28
C GLY A 112 -3.76 9.57 7.52
N ASN A 113 -3.60 8.75 8.57
CA ASN A 113 -4.29 8.98 9.83
C ASN A 113 -3.45 8.39 10.96
N THR A 114 -3.83 8.72 12.19
CA THR A 114 -3.15 8.22 13.37
C THR A 114 -3.76 6.93 13.91
N ASP A 115 -4.56 6.24 13.10
CA ASP A 115 -5.27 5.05 13.55
C ASP A 115 -4.40 3.80 13.55
N TYR A 116 -3.10 3.94 13.30
CA TYR A 116 -2.17 2.81 13.28
C TYR A 116 -1.01 3.03 14.24
N GLN A 117 -1.24 3.78 15.32
CA GLN A 117 -0.18 4.05 16.29
C GLN A 117 0.31 2.75 16.92
N GLY A 118 -0.60 1.96 17.49
CA GLY A 118 -0.21 0.71 18.12
C GLY A 118 0.56 -0.21 17.20
N LEU A 119 0.24 -0.19 15.90
CA LEU A 119 1.00 -0.96 14.94
C LEU A 119 2.42 -0.40 14.79
N VAL A 120 2.54 0.93 14.72
CA VAL A 120 3.86 1.54 14.59
C VAL A 120 4.67 1.33 15.85
N ARG A 121 4.04 1.47 17.02
CA ARG A 121 4.76 1.26 18.28
C ARG A 121 5.23 -0.19 18.40
N LEU A 122 4.44 -1.14 17.91
CA LEU A 122 4.85 -2.54 17.94
C LEU A 122 6.08 -2.78 17.07
N VAL A 123 6.28 -1.97 16.04
CA VAL A 123 7.44 -2.13 15.16
C VAL A 123 8.73 -1.92 15.94
N ALA A 124 8.70 -1.07 16.97
CA ALA A 124 9.89 -0.83 17.79
C ALA A 124 10.48 -2.14 18.32
N LEU A 125 9.61 -3.08 18.70
CA LEU A 125 10.09 -4.40 19.10
C LEU A 125 10.39 -5.29 17.91
N VAL A 126 9.64 -5.12 16.81
CA VAL A 126 9.81 -6.00 15.66
C VAL A 126 11.12 -5.71 14.94
N GLN A 127 11.47 -4.42 14.80
CA GLN A 127 12.70 -4.06 14.10
C GLN A 127 13.95 -4.60 14.79
N MET A 128 13.85 -4.93 16.09
CA MET A 128 14.97 -5.55 16.77
C MET A 128 15.31 -6.91 16.15
N GLY A 129 14.28 -7.68 15.79
CA GLY A 129 14.51 -8.96 15.14
C GLY A 129 15.07 -8.81 13.74
N ILE A 130 14.69 -7.74 13.04
CA ILE A 130 15.23 -7.49 11.71
C ILE A 130 16.70 -7.13 11.79
N ALA A 131 17.06 -6.21 12.69
CA ALA A 131 18.45 -5.78 12.82
C ALA A 131 19.33 -6.93 13.27
N TRP A 132 18.94 -7.62 14.34
CA TRP A 132 19.75 -8.72 14.84
C TRP A 132 19.73 -9.92 13.89
N GLY A 133 18.59 -10.16 13.24
CA GLY A 133 18.51 -11.28 12.31
C GLY A 133 19.41 -11.07 11.11
N ASN A 134 19.37 -9.88 10.51
CA ASN A 134 20.20 -9.60 9.35
C ASN A 134 21.68 -9.61 9.69
N LEU A 135 22.03 -9.26 10.93
CA LEU A 135 23.43 -9.33 11.36
C LEU A 135 23.91 -10.78 11.42
N LEU A 136 23.09 -11.67 11.97
CA LEU A 136 23.46 -13.08 12.03
C LEU A 136 23.55 -13.69 10.64
N LEU A 137 22.71 -13.22 9.71
CA LEU A 137 22.80 -13.69 8.33
C LEU A 137 24.04 -13.16 7.64
N ALA A 138 24.37 -11.89 7.89
CA ALA A 138 25.57 -11.30 7.30
C ALA A 138 26.83 -11.99 7.80
N LEU A 139 26.84 -12.37 9.09
CA LEU A 139 28.00 -13.06 9.64
C LEU A 139 28.17 -14.44 9.02
N MET A 140 27.06 -15.14 8.79
CA MET A 140 27.15 -16.45 8.15
C MET A 140 27.62 -16.35 6.71
N LYS A 141 27.25 -15.27 6.02
CA LYS A 141 27.75 -15.06 4.66
C LYS A 141 29.25 -14.76 4.66
N GLY A 142 29.71 -13.96 5.63
CA GLY A 142 31.13 -13.65 5.70
C GLY A 142 31.99 -14.87 5.99
N PHE A 143 31.47 -15.81 6.79
CA PHE A 143 32.17 -17.04 7.08
C PHE A 143 31.96 -18.12 6.02
N ARG A 144 31.42 -17.74 4.85
CA ARG A 144 31.22 -18.67 3.73
C ARG A 144 30.36 -19.86 4.14
N ASP A 145 29.25 -19.58 4.83
CA ASP A 145 28.29 -20.59 5.23
C ASP A 145 27.01 -20.41 4.44
N ALA A 146 27.05 -20.82 3.17
CA ALA A 146 25.89 -20.67 2.31
C ALA A 146 24.73 -21.55 2.78
N ALA A 147 25.05 -22.72 3.31
CA ALA A 147 24.01 -23.62 3.80
C ALA A 147 23.31 -23.04 5.03
N GLY A 148 24.10 -22.61 6.02
CA GLY A 148 23.51 -22.00 7.20
C GLY A 148 22.74 -20.73 6.90
N ASN A 149 23.18 -19.96 5.90
CA ASN A 149 22.43 -18.80 5.46
C ASN A 149 21.12 -19.21 4.80
N ALA A 150 21.18 -20.19 3.90
CA ALA A 150 20.00 -20.58 3.13
C ALA A 150 18.96 -21.25 4.01
N LEU A 151 19.39 -22.15 4.90
CA LEU A 151 18.44 -22.83 5.77
C LEU A 151 17.75 -21.85 6.71
N SER A 152 18.48 -20.84 7.18
CA SER A 152 17.88 -19.82 8.04
C SER A 152 16.83 -19.02 7.27
N LEU A 153 17.10 -18.70 6.00
CA LEU A 153 16.14 -17.96 5.19
C LEU A 153 14.93 -18.82 4.87
N ILE A 154 15.14 -20.11 4.60
CA ILE A 154 14.03 -21.01 4.29
C ILE A 154 13.12 -21.16 5.50
N VAL A 155 13.71 -21.40 6.67
CA VAL A 155 12.91 -21.52 7.89
C VAL A 155 12.23 -20.19 8.20
N GLY A 156 12.95 -19.09 8.08
CA GLY A 156 12.37 -17.78 8.33
C GLY A 156 11.21 -17.46 7.41
N SER A 157 11.26 -17.95 6.17
CA SER A 157 10.13 -17.78 5.27
C SER A 157 8.97 -18.69 5.65
N LEU A 158 9.28 -19.91 6.13
CA LEU A 158 8.23 -20.85 6.48
C LEU A 158 7.47 -20.39 7.72
N ILE A 159 8.19 -19.97 8.76
CA ILE A 159 7.50 -19.47 9.96
C ILE A 159 6.84 -18.13 9.68
N GLY A 160 7.38 -17.35 8.74
CA GLY A 160 6.75 -16.09 8.39
C GLY A 160 5.36 -16.27 7.83
N VAL A 161 5.17 -17.32 7.04
CA VAL A 161 3.83 -17.64 6.54
C VAL A 161 2.93 -18.04 7.70
N LEU A 162 3.44 -18.84 8.63
CA LEU A 162 2.66 -19.24 9.79
C LEU A 162 2.33 -18.04 10.66
N ALA A 163 3.30 -17.16 10.89
CA ALA A 163 3.05 -15.99 11.71
C ALA A 163 2.08 -15.03 11.02
N TYR A 164 2.19 -14.88 9.70
CA TYR A 164 1.28 -13.99 8.98
C TYR A 164 -0.16 -14.51 9.03
N TYR A 165 -0.34 -15.82 8.85
CA TYR A 165 -1.68 -16.39 8.86
C TYR A 165 -2.35 -16.19 10.21
N VAL A 166 -1.63 -16.47 11.29
CA VAL A 166 -2.20 -16.29 12.62
C VAL A 166 -2.42 -14.82 12.93
N SER A 167 -1.56 -13.94 12.44
CA SER A 167 -1.70 -12.52 12.71
C SER A 167 -2.94 -11.93 12.05
N TYR A 168 -3.19 -12.30 10.78
CA TYR A 168 -4.34 -11.72 10.09
C TYR A 168 -5.65 -12.38 10.51
N ARG A 169 -5.63 -13.67 10.82
CA ARG A 169 -6.84 -14.32 11.32
C ARG A 169 -7.28 -13.69 12.64
N LEU A 170 -6.33 -13.41 13.53
CA LEU A 170 -6.67 -12.85 14.84
C LEU A 170 -6.87 -11.34 14.76
N GLY A 171 -5.87 -10.61 14.31
CA GLY A 171 -5.89 -9.16 14.29
C GLY A 171 -6.60 -8.51 13.13
N GLY A 172 -7.05 -9.27 12.14
CA GLY A 172 -7.71 -8.65 11.00
C GLY A 172 -6.70 -8.02 10.06
N TYR A 173 -7.04 -6.83 9.56
CA TYR A 173 -6.14 -6.15 8.62
C TYR A 173 -4.87 -5.68 9.31
N GLU A 174 -5.01 -5.01 10.46
CA GLU A 174 -3.83 -4.58 11.20
C GLU A 174 -2.99 -5.77 11.64
N GLY A 175 -3.60 -6.93 11.81
CA GLY A 175 -2.83 -8.13 12.06
C GLY A 175 -2.00 -8.54 10.86
N ALA A 176 -2.62 -8.52 9.67
CA ALA A 176 -1.88 -8.83 8.45
C ALA A 176 -0.70 -7.89 8.25
N LEU A 177 -0.87 -6.62 8.62
CA LEU A 177 0.24 -5.68 8.59
C LEU A 177 1.33 -6.08 9.57
N LEU A 178 0.94 -6.50 10.77
CA LEU A 178 1.92 -7.01 11.73
C LEU A 178 2.60 -8.27 11.20
N GLY A 179 1.85 -9.09 10.48
CA GLY A 179 2.45 -10.28 9.87
C GLY A 179 3.50 -9.92 8.85
N LEU A 180 3.26 -8.87 8.06
CA LEU A 180 4.23 -8.46 7.04
C LEU A 180 5.53 -7.99 7.67
N ALA A 181 5.47 -7.44 8.88
CA ALA A 181 6.69 -7.06 9.59
C ALA A 181 7.33 -8.25 10.28
N LEU A 182 6.52 -9.22 10.74
CA LEU A 182 7.05 -10.37 11.47
C LEU A 182 7.79 -11.34 10.56
N ILE A 183 7.56 -11.29 9.26
CA ILE A 183 8.19 -12.22 8.32
C ILE A 183 9.70 -12.01 8.29
N PRO A 184 10.22 -10.78 8.07
CA PRO A 184 11.68 -10.60 8.12
C PRO A 184 12.23 -10.52 9.53
N ALA A 185 11.39 -10.27 10.54
CA ALA A 185 11.88 -10.16 11.91
C ALA A 185 12.06 -11.52 12.57
N LEU A 186 11.20 -12.48 12.26
CA LEU A 186 11.27 -13.80 12.88
C LEU A 186 12.50 -14.59 12.45
N VAL A 187 13.15 -14.18 11.36
CA VAL A 187 14.31 -14.90 10.86
C VAL A 187 15.46 -14.90 11.86
N VAL A 188 15.41 -14.03 12.87
CA VAL A 188 16.43 -14.02 13.91
C VAL A 188 16.36 -15.28 14.77
N ILE A 189 15.19 -15.94 14.82
CA ILE A 189 15.06 -17.16 15.60
C ILE A 189 15.88 -18.27 14.94
N PRO A 190 15.63 -18.64 13.68
CA PRO A 190 16.45 -19.72 13.10
C PRO A 190 17.88 -19.34 12.84
N ALA A 191 18.15 -18.07 12.53
CA ALA A 191 19.54 -17.64 12.32
C ALA A 191 20.36 -17.83 13.58
N ALA A 192 19.80 -17.45 14.74
CA ALA A 192 20.51 -17.64 16.00
C ALA A 192 20.74 -19.11 16.29
N ILE A 193 19.70 -19.94 16.14
CA ILE A 193 19.85 -21.37 16.38
C ILE A 193 20.88 -21.97 15.43
N MET A 194 20.86 -21.54 14.16
CA MET A 194 21.83 -22.04 13.20
C MET A 194 23.23 -21.58 13.54
N LEU A 195 23.38 -20.32 13.95
CA LEU A 195 24.70 -19.80 14.31
C LEU A 195 25.29 -20.57 15.48
N ILE A 196 24.45 -20.99 16.43
CA ILE A 196 24.93 -21.72 17.60
C ILE A 196 25.46 -23.08 17.19
N LYS A 197 24.58 -23.94 16.66
CA LYS A 197 24.90 -25.35 16.49
C LYS A 197 25.91 -25.58 15.37
N ARG A 198 25.94 -24.71 14.35
CA ARG A 198 26.93 -24.86 13.30
C ARG A 198 28.33 -24.52 13.78
N GLY A 199 28.45 -23.70 14.82
CA GLY A 199 29.75 -23.44 15.43
C GLY A 199 30.76 -22.79 14.52
N VAL A 200 30.30 -22.03 13.53
CA VAL A 200 31.23 -21.37 12.62
C VAL A 200 31.85 -20.13 13.26
N ILE A 201 31.08 -19.41 14.08
CA ILE A 201 31.48 -18.12 14.63
C ILE A 201 31.50 -18.25 16.14
N PRO A 202 32.60 -17.90 16.81
CA PRO A 202 32.61 -17.90 18.28
C PRO A 202 31.64 -16.85 18.83
N LEU A 203 30.95 -17.23 19.92
CA LEU A 203 29.88 -16.39 20.44
C LEU A 203 30.42 -15.17 21.16
N SER A 204 31.60 -15.27 21.77
CA SER A 204 32.20 -14.11 22.44
C SER A 204 32.48 -12.98 21.47
N TYR A 205 32.62 -13.28 20.18
CA TYR A 205 32.90 -12.24 19.19
C TYR A 205 31.77 -11.23 19.10
N LEU A 206 30.55 -11.61 19.47
CA LEU A 206 29.40 -10.74 19.40
C LEU A 206 29.34 -9.72 20.53
N LYS A 207 30.30 -9.74 21.45
CA LYS A 207 30.33 -8.75 22.52
C LYS A 207 30.55 -7.36 21.94
N PRO A 208 29.68 -6.39 22.21
CA PRO A 208 29.82 -5.07 21.58
C PRO A 208 31.08 -4.35 22.02
N SER A 209 31.97 -4.11 21.07
CA SER A 209 33.15 -3.27 21.24
C SER A 209 33.12 -2.17 20.19
N TRP A 210 34.09 -1.25 20.27
CA TRP A 210 34.11 -0.11 19.35
C TRP A 210 35.53 0.10 18.84
N ASP A 211 35.69 0.02 17.52
CA ASP A 211 36.94 0.33 16.84
C ASP A 211 36.67 1.49 15.89
N ASN A 212 37.22 2.67 16.22
CA ASN A 212 36.94 3.87 15.44
C ASN A 212 37.32 3.71 13.97
N GLY A 213 38.32 2.86 13.68
CA GLY A 213 38.71 2.62 12.31
C GLY A 213 37.66 1.89 11.52
N LEU A 214 37.26 0.70 12.00
CA LEU A 214 36.24 -0.08 11.31
C LEU A 214 34.88 0.59 11.36
N ALA A 215 34.59 1.34 12.43
CA ALA A 215 33.31 2.01 12.55
C ALA A 215 33.15 3.08 11.48
N GLY A 216 34.22 3.83 11.21
CA GLY A 216 34.15 4.83 10.15
C GLY A 216 34.03 4.22 8.77
N GLN A 217 34.73 3.10 8.54
CA GLN A 217 34.60 2.40 7.27
C GLN A 217 33.22 1.77 7.12
N LEU A 218 32.71 1.16 8.20
CA LEU A 218 31.35 0.64 8.18
C LEU A 218 30.31 1.75 8.13
N SER A 219 30.66 2.97 8.55
CA SER A 219 29.74 4.09 8.44
C SER A 219 29.43 4.41 6.98
N LYS A 220 30.40 4.21 6.08
CA LYS A 220 30.15 4.47 4.67
C LYS A 220 29.04 3.58 4.13
N PHE A 221 28.89 2.37 4.68
CA PHE A 221 27.74 1.54 4.31
C PHE A 221 26.46 2.07 4.94
N THR A 222 26.57 2.72 6.10
CA THR A 222 25.39 3.35 6.71
C THR A 222 24.89 4.51 5.87
N LEU A 223 25.79 5.33 5.33
CA LEU A 223 25.38 6.44 4.49
C LEU A 223 24.70 5.95 3.22
N MET A 224 25.12 4.80 2.69
CA MET A 224 24.45 4.23 1.52
C MET A 224 23.00 3.87 1.83
N ALA A 225 22.80 3.13 2.93
CA ALA A 225 21.44 2.78 3.34
C ALA A 225 20.63 4.03 3.70
N LEU A 226 21.27 4.99 4.35
CA LEU A 226 20.63 6.28 4.62
C LEU A 226 20.14 6.92 3.32
N ILE A 227 21.04 7.04 2.34
CA ILE A 227 20.68 7.67 1.07
C ILE A 227 19.60 6.85 0.37
N THR A 228 19.70 5.52 0.42
CA THR A 228 18.72 4.68 -0.26
C THR A 228 17.34 4.81 0.37
N SER A 229 17.29 4.89 1.70
CA SER A 229 16.00 4.86 2.40
C SER A 229 15.20 6.14 2.28
N VAL A 230 15.84 7.26 1.97
CA VAL A 230 15.18 8.56 1.97
C VAL A 230 14.97 9.08 0.54
N THR A 231 15.08 8.21 -0.47
CA THR A 231 14.87 8.63 -1.85
C THR A 231 13.67 7.86 -2.38
N LEU A 232 13.86 6.73 -3.08
CA LEU A 232 12.75 6.02 -3.70
C LEU A 232 11.64 5.63 -2.72
N PRO A 233 11.93 5.14 -1.51
CA PRO A 233 10.82 4.87 -0.57
C PRO A 233 10.00 6.09 -0.24
N VAL A 234 10.65 7.22 0.05
CA VAL A 234 9.90 8.45 0.32
C VAL A 234 9.09 8.86 -0.91
N ALA A 235 9.69 8.74 -2.10
CA ALA A 235 8.97 9.09 -3.32
C ALA A 235 7.72 8.23 -3.49
N TYR A 236 7.87 6.91 -3.40
CA TYR A 236 6.73 6.01 -3.56
C TYR A 236 5.67 6.22 -2.48
N ILE A 237 6.05 6.76 -1.32
CA ILE A 237 5.07 6.98 -0.26
C ILE A 237 4.17 8.16 -0.62
N MET A 238 4.77 9.30 -0.97
CA MET A 238 3.97 10.46 -1.35
C MET A 238 3.13 10.19 -2.60
N MET A 239 3.65 9.38 -3.51
CA MET A 239 2.92 9.10 -4.74
C MET A 239 1.67 8.26 -4.46
N ARG A 240 1.77 7.28 -3.58
CA ARG A 240 0.59 6.50 -3.20
C ARG A 240 -0.37 7.33 -2.37
N LYS A 241 0.16 8.23 -1.53
CA LYS A 241 -0.72 9.11 -0.76
C LYS A 241 -1.47 10.08 -1.66
N LEU A 242 -0.78 10.65 -2.65
CA LEU A 242 -1.44 11.55 -3.58
C LEU A 242 -2.47 10.80 -4.43
N LEU A 243 -2.17 9.56 -4.80
CA LEU A 243 -3.13 8.76 -5.56
C LEU A 243 -4.36 8.44 -4.71
N ALA A 244 -4.15 8.15 -3.43
CA ALA A 244 -5.28 7.85 -2.55
C ALA A 244 -6.14 9.08 -2.31
N ALA A 245 -5.52 10.24 -2.12
CA ALA A 245 -6.29 11.45 -1.83
C ALA A 245 -7.10 11.89 -3.04
N GLN A 246 -6.50 11.85 -4.23
CA GLN A 246 -7.22 12.26 -5.44
C GLN A 246 -8.25 11.23 -5.89
N TYR A 247 -8.09 9.97 -5.47
CA TYR A 247 -9.01 8.92 -5.90
C TYR A 247 -9.48 8.11 -4.69
N SER A 248 -8.74 7.07 -4.34
CA SER A 248 -9.05 6.23 -3.19
C SER A 248 -7.88 5.29 -2.96
N TRP A 249 -7.83 4.71 -1.76
CA TRP A 249 -6.85 3.65 -1.51
C TRP A 249 -7.13 2.43 -2.36
N ASP A 250 -8.38 2.24 -2.80
CA ASP A 250 -8.68 1.14 -3.71
C ASP A 250 -7.96 1.31 -5.04
N GLU A 251 -7.86 2.56 -5.52
CA GLU A 251 -7.12 2.80 -6.76
C GLU A 251 -5.62 2.60 -6.56
N VAL A 252 -5.12 2.86 -5.35
CA VAL A 252 -3.70 2.61 -5.09
C VAL A 252 -3.42 1.12 -5.14
N GLY A 253 -4.33 0.30 -4.59
CA GLY A 253 -4.16 -1.14 -4.67
C GLY A 253 -4.21 -1.70 -6.08
N ILE A 254 -4.84 -0.97 -7.00
CA ILE A 254 -4.82 -1.37 -8.40
C ILE A 254 -3.42 -1.23 -8.97
N TRP A 255 -2.79 -0.07 -8.73
CA TRP A 255 -1.43 0.11 -9.18
C TRP A 255 -0.44 -0.70 -8.36
N GLN A 256 -0.74 -0.93 -7.08
CA GLN A 256 0.16 -1.72 -6.25
C GLN A 256 0.19 -3.18 -6.70
N GLY A 257 -0.94 -3.71 -7.17
CA GLY A 257 -0.94 -5.08 -7.66
C GLY A 257 0.00 -5.30 -8.82
N VAL A 258 0.18 -4.29 -9.67
CA VAL A 258 1.10 -4.39 -10.80
C VAL A 258 2.53 -4.53 -10.30
N SER A 259 2.95 -3.64 -9.40
CA SER A 259 4.30 -3.72 -8.84
C SER A 259 4.51 -5.03 -8.10
N SER A 260 3.48 -5.49 -7.39
CA SER A 260 3.60 -6.73 -6.61
C SER A 260 3.79 -7.93 -7.53
N ILE A 261 3.14 -7.93 -8.70
CA ILE A 261 3.29 -9.04 -9.63
C ILE A 261 4.66 -9.01 -10.29
N SER A 262 5.14 -7.81 -10.65
CA SER A 262 6.43 -7.71 -11.31
C SER A 262 7.58 -8.04 -10.37
N ASP A 263 7.43 -7.72 -9.08
CA ASP A 263 8.50 -7.99 -8.12
C ASP A 263 8.80 -9.47 -7.99
N ALA A 264 7.89 -10.34 -8.45
CA ALA A 264 8.11 -11.78 -8.41
C ALA A 264 9.25 -12.19 -9.32
N TYR A 265 9.07 -12.01 -10.64
CA TYR A 265 10.10 -12.41 -11.59
C TYR A 265 11.28 -11.45 -11.60
N LEU A 266 11.10 -10.20 -11.17
CA LEU A 266 12.20 -9.26 -11.11
C LEU A 266 13.18 -9.55 -9.99
N GLN A 267 12.89 -10.51 -9.12
CA GLN A 267 13.80 -10.85 -8.03
C GLN A 267 14.81 -11.92 -8.44
N PHE A 268 14.37 -12.94 -9.18
CA PHE A 268 15.30 -13.96 -9.64
C PHE A 268 16.30 -13.38 -10.63
N ILE A 269 15.83 -12.50 -11.53
CA ILE A 269 16.74 -11.86 -12.48
C ILE A 269 17.71 -10.95 -11.76
N THR A 270 17.33 -10.43 -10.59
CA THR A 270 18.23 -9.57 -9.81
C THR A 270 19.47 -10.36 -9.36
N ALA A 271 19.26 -11.59 -8.88
CA ALA A 271 20.38 -12.41 -8.45
C ALA A 271 21.20 -12.94 -9.62
N SER A 272 20.65 -12.90 -10.84
CA SER A 272 21.38 -13.40 -11.99
C SER A 272 22.54 -12.48 -12.37
N PHE A 273 22.44 -11.19 -12.05
CA PHE A 273 23.52 -10.25 -12.25
C PHE A 273 23.88 -9.53 -10.96
N SER A 274 23.77 -10.24 -9.84
CA SER A 274 24.21 -9.73 -8.54
C SER A 274 25.51 -10.40 -8.12
N VAL A 275 25.48 -11.69 -7.79
CA VAL A 275 26.70 -12.40 -7.43
C VAL A 275 27.56 -12.68 -8.66
N TYR A 276 26.99 -12.60 -9.86
CA TYR A 276 27.73 -12.82 -11.09
C TYR A 276 28.39 -11.56 -11.63
N LEU A 277 27.87 -10.38 -11.27
CA LEU A 277 28.35 -9.12 -11.82
C LEU A 277 29.10 -8.26 -10.80
N LEU A 278 28.57 -8.13 -9.59
CA LEU A 278 29.18 -7.22 -8.62
C LEU A 278 30.60 -7.62 -8.22
N PRO A 279 30.90 -8.88 -7.88
CA PRO A 279 32.30 -9.23 -7.59
C PRO A 279 33.23 -9.05 -8.78
N THR A 280 32.72 -9.17 -10.00
CA THR A 280 33.57 -9.03 -11.18
C THR A 280 33.89 -7.56 -11.46
N LEU A 281 32.93 -6.67 -11.25
CA LEU A 281 33.16 -5.24 -11.50
C LEU A 281 34.08 -4.62 -10.48
N SER A 282 34.35 -5.29 -9.35
CA SER A 282 35.26 -4.74 -8.35
C SER A 282 36.71 -5.04 -8.70
N ARG A 283 36.99 -6.23 -9.25
CA ARG A 283 38.37 -6.61 -9.51
C ARG A 283 38.95 -5.86 -10.71
N LEU A 284 38.14 -5.61 -11.73
CA LEU A 284 38.62 -4.92 -12.92
C LEU A 284 38.87 -3.45 -12.62
N THR A 285 39.91 -2.91 -13.27
CA THR A 285 40.31 -1.52 -13.05
C THR A 285 40.47 -0.69 -14.32
N GLU A 286 40.57 -1.32 -15.49
CA GLU A 286 40.72 -0.60 -16.75
C GLU A 286 39.36 -0.22 -17.31
N LYS A 287 39.28 0.99 -17.86
CA LYS A 287 38.02 1.47 -18.42
C LYS A 287 37.53 0.57 -19.54
N ARG A 288 38.46 0.10 -20.39
CA ARG A 288 38.08 -0.81 -21.46
C ARG A 288 37.47 -2.10 -20.91
N ASP A 289 38.08 -2.64 -19.84
CA ASP A 289 37.53 -3.85 -19.23
C ASP A 289 36.22 -3.55 -18.49
N ILE A 290 36.03 -2.32 -18.01
CA ILE A 290 34.77 -1.96 -17.38
C ILE A 290 33.66 -1.91 -18.42
N THR A 291 33.94 -1.28 -19.57
CA THR A 291 32.94 -1.21 -20.63
C THR A 291 32.67 -2.59 -21.23
N ARG A 292 33.69 -3.45 -21.29
CA ARG A 292 33.49 -4.79 -21.85
C ARG A 292 32.56 -5.64 -21.01
N GLU A 293 32.41 -5.34 -19.71
CA GLU A 293 31.47 -6.08 -18.88
C GLU A 293 30.16 -5.36 -18.68
N VAL A 294 30.14 -4.03 -18.72
CA VAL A 294 28.88 -3.30 -18.66
C VAL A 294 28.04 -3.59 -19.89
N VAL A 295 28.67 -3.57 -21.07
CA VAL A 295 27.95 -3.85 -22.31
C VAL A 295 27.50 -5.31 -22.35
N LYS A 296 28.40 -6.23 -22.02
CA LYS A 296 28.07 -7.65 -22.12
C LYS A 296 27.07 -8.09 -21.06
N SER A 297 26.97 -7.36 -19.95
CA SER A 297 25.93 -7.66 -18.96
C SER A 297 24.56 -7.22 -19.47
N LEU A 298 24.49 -6.10 -20.20
CA LEU A 298 23.23 -5.67 -20.78
C LEU A 298 22.78 -6.59 -21.90
N LYS A 299 23.72 -7.22 -22.60
CA LYS A 299 23.37 -8.16 -23.66
C LYS A 299 22.64 -9.39 -23.12
N PHE A 300 22.73 -9.64 -21.82
CA PHE A 300 22.01 -10.73 -21.17
C PHE A 300 20.83 -10.25 -20.34
N VAL A 301 20.98 -9.13 -19.64
CA VAL A 301 19.94 -8.68 -18.73
C VAL A 301 18.73 -8.14 -19.49
N LEU A 302 18.98 -7.34 -20.53
CA LEU A 302 17.87 -6.71 -21.25
C LEU A 302 16.97 -7.73 -21.94
N PRO A 303 17.47 -8.66 -22.76
CA PRO A 303 16.54 -9.63 -23.37
C PRO A 303 15.88 -10.55 -22.36
N ALA A 304 16.52 -10.78 -21.21
CA ALA A 304 15.94 -11.66 -20.20
C ALA A 304 14.72 -11.03 -19.54
N VAL A 305 14.82 -9.75 -19.18
CA VAL A 305 13.68 -9.07 -18.58
C VAL A 305 12.62 -8.80 -19.63
N ALA A 306 13.03 -8.40 -20.83
CA ALA A 306 12.09 -8.16 -21.91
C ALA A 306 11.23 -9.40 -22.18
N ALA A 307 11.89 -10.57 -22.31
CA ALA A 307 11.14 -11.80 -22.55
C ALA A 307 10.22 -12.13 -21.37
N ALA A 308 10.75 -12.05 -20.15
CA ALA A 308 9.94 -12.36 -18.97
C ALA A 308 8.76 -11.41 -18.86
N SER A 309 9.02 -10.10 -18.94
CA SER A 309 7.94 -9.12 -18.81
C SER A 309 6.92 -9.27 -19.93
N PHE A 310 7.38 -9.47 -21.16
CA PHE A 310 6.46 -9.67 -22.27
C PHE A 310 5.56 -10.87 -22.03
N THR A 311 6.12 -11.94 -21.44
CA THR A 311 5.30 -13.11 -21.12
C THR A 311 4.25 -12.78 -20.07
N VAL A 312 4.59 -11.91 -19.12
CA VAL A 312 3.62 -11.50 -18.10
C VAL A 312 2.49 -10.71 -18.73
N TRP A 313 2.82 -9.79 -19.64
CA TRP A 313 1.77 -9.04 -20.35
C TRP A 313 0.94 -9.96 -21.22
N LEU A 314 1.56 -10.98 -21.81
CA LEU A 314 0.82 -11.96 -22.59
C LEU A 314 -0.23 -12.68 -21.75
N LEU A 315 0.04 -12.86 -20.46
CA LEU A 315 -0.86 -13.55 -19.54
C LEU A 315 -1.28 -12.61 -18.41
N ARG A 316 -1.53 -11.34 -18.75
CA ARG A 316 -1.91 -10.36 -17.73
C ARG A 316 -3.20 -10.77 -17.03
N ASP A 317 -4.19 -11.25 -17.79
CA ASP A 317 -5.44 -11.67 -17.18
C ASP A 317 -5.24 -12.89 -16.28
N PHE A 318 -4.45 -13.87 -16.75
CA PHE A 318 -4.18 -15.04 -15.93
C PHE A 318 -3.36 -14.68 -14.69
N ALA A 319 -2.39 -13.78 -14.85
CA ALA A 319 -1.57 -13.38 -13.70
C ALA A 319 -2.41 -12.72 -12.62
N ILE A 320 -3.32 -11.82 -13.02
CA ILE A 320 -4.20 -11.17 -12.05
C ILE A 320 -5.06 -12.19 -11.33
N TRP A 321 -5.69 -13.09 -12.10
CA TRP A 321 -6.53 -14.12 -11.51
C TRP A 321 -5.74 -15.05 -10.61
N LEU A 322 -4.50 -15.38 -10.99
CA LEU A 322 -3.71 -16.35 -10.24
C LEU A 322 -3.14 -15.75 -8.97
N LEU A 323 -2.28 -14.73 -9.10
CA LEU A 323 -1.60 -14.17 -7.95
C LEU A 323 -2.49 -13.24 -7.11
N LEU A 324 -3.43 -12.56 -7.75
CA LEU A 324 -4.34 -11.70 -7.00
C LEU A 324 -5.76 -12.24 -7.10
N SER A 325 -6.74 -11.37 -7.23
CA SER A 325 -8.12 -11.79 -7.44
C SER A 325 -8.68 -11.08 -8.65
N ASN A 326 -9.82 -11.58 -9.15
CA ASN A 326 -10.47 -10.93 -10.27
C ASN A 326 -11.07 -9.57 -9.90
N LYS A 327 -10.96 -9.17 -8.63
CA LYS A 327 -11.28 -7.80 -8.24
C LYS A 327 -10.20 -6.82 -8.64
N PHE A 328 -9.02 -7.30 -9.02
CA PHE A 328 -7.92 -6.47 -9.50
C PHE A 328 -7.85 -6.43 -11.03
N THR A 329 -8.93 -6.80 -11.71
CA THR A 329 -8.89 -6.95 -13.16
C THR A 329 -8.63 -5.63 -13.88
N ALA A 330 -8.87 -4.49 -13.22
CA ALA A 330 -8.75 -3.21 -13.90
C ALA A 330 -7.31 -2.89 -14.26
N MET A 331 -6.35 -3.44 -13.54
CA MET A 331 -4.94 -3.10 -13.75
C MET A 331 -4.33 -3.82 -14.95
N ARG A 332 -5.12 -4.59 -15.70
CA ARG A 332 -4.57 -5.26 -16.88
C ARG A 332 -4.03 -4.27 -17.89
N ASP A 333 -4.58 -3.06 -17.93
CA ASP A 333 -4.07 -2.02 -18.80
C ASP A 333 -2.82 -1.36 -18.26
N LEU A 334 -2.55 -1.49 -16.96
CA LEU A 334 -1.35 -0.91 -16.38
C LEU A 334 -0.09 -1.68 -16.76
N PHE A 335 -0.23 -2.94 -17.19
CA PHE A 335 0.93 -3.79 -17.41
C PHE A 335 1.84 -3.23 -18.49
N ALA A 336 1.26 -2.77 -19.60
CA ALA A 336 2.08 -2.29 -20.72
C ALA A 336 3.02 -1.17 -20.29
N TRP A 337 2.53 -0.24 -19.46
CA TRP A 337 3.37 0.88 -19.05
C TRP A 337 4.36 0.47 -17.97
N GLN A 338 3.92 -0.31 -16.98
CA GLN A 338 4.80 -0.69 -15.89
C GLN A 338 5.88 -1.65 -16.36
N LEU A 339 5.50 -2.64 -17.18
CA LEU A 339 6.47 -3.65 -17.62
C LEU A 339 7.54 -3.03 -18.50
N VAL A 340 7.21 -2.00 -19.28
CA VAL A 340 8.23 -1.29 -20.04
C VAL A 340 9.19 -0.59 -19.08
N GLY A 341 8.64 0.16 -18.13
CA GLY A 341 9.49 0.80 -17.13
C GLY A 341 10.36 -0.17 -16.35
N ASP A 342 9.88 -1.41 -16.20
CA ASP A 342 10.68 -2.43 -15.53
C ASP A 342 11.94 -2.77 -16.34
N VAL A 343 11.80 -2.83 -17.67
CA VAL A 343 12.95 -3.11 -18.51
C VAL A 343 14.01 -2.03 -18.37
N LEU A 344 13.60 -0.77 -18.50
CA LEU A 344 14.56 0.34 -18.41
C LEU A 344 15.12 0.48 -17.01
N LYS A 345 14.33 0.16 -15.97
CA LYS A 345 14.84 0.24 -14.61
C LYS A 345 15.92 -0.81 -14.36
N VAL A 346 15.62 -2.07 -14.69
CA VAL A 346 16.61 -3.13 -14.52
C VAL A 346 17.77 -2.93 -15.49
N GLY A 347 17.51 -2.37 -16.66
CA GLY A 347 18.61 -2.03 -17.55
C GLY A 347 19.59 -1.07 -16.91
N ALA A 348 19.07 0.00 -16.30
CA ALA A 348 19.92 0.96 -15.60
C ALA A 348 20.52 0.40 -14.32
N TYR A 349 20.04 -0.77 -13.85
CA TYR A 349 20.67 -1.40 -12.70
C TYR A 349 22.13 -1.73 -12.97
N VAL A 350 22.45 -2.11 -14.22
CA VAL A 350 23.84 -2.41 -14.58
C VAL A 350 24.72 -1.20 -14.32
N PHE A 351 24.22 0.00 -14.61
CA PHE A 351 24.95 1.22 -14.26
C PHE A 351 24.90 1.49 -12.76
N GLY A 352 23.87 1.00 -12.05
CA GLY A 352 23.82 1.21 -10.62
C GLY A 352 24.80 0.33 -9.87
N TYR A 353 24.86 -0.96 -10.22
CA TYR A 353 25.83 -1.86 -9.60
C TYR A 353 27.26 -1.50 -9.97
N LEU A 354 27.46 -0.73 -11.04
CA LEU A 354 28.80 -0.23 -11.34
C LEU A 354 29.18 0.86 -10.34
N VAL A 355 28.23 1.71 -9.94
CA VAL A 355 28.51 2.75 -8.97
C VAL A 355 28.78 2.14 -7.60
N ILE A 356 28.07 1.07 -7.25
CA ILE A 356 28.30 0.41 -5.97
C ILE A 356 29.64 -0.31 -5.98
N ALA A 357 30.02 -0.88 -7.12
CA ALA A 357 31.30 -1.58 -7.22
C ALA A 357 32.49 -0.63 -7.03
N LYS A 358 32.34 0.62 -7.45
CA LYS A 358 33.36 1.63 -7.21
C LYS A 358 33.18 2.34 -5.88
N ALA A 359 32.09 2.08 -5.17
CA ALA A 359 31.81 2.66 -3.85
C ALA A 359 31.84 4.19 -3.90
N SER A 360 31.32 4.75 -4.99
CA SER A 360 31.28 6.20 -5.16
C SER A 360 30.01 6.73 -4.52
N LEU A 361 30.16 7.35 -3.34
CA LEU A 361 29.02 7.97 -2.68
C LEU A 361 28.48 9.14 -3.49
N ARG A 362 29.37 9.88 -4.16
CA ARG A 362 28.94 11.02 -4.97
C ARG A 362 27.99 10.58 -6.08
N PHE A 363 28.37 9.56 -6.84
CA PHE A 363 27.53 9.11 -7.94
C PHE A 363 26.30 8.37 -7.45
N TYR A 364 26.42 7.64 -6.33
CA TYR A 364 25.25 6.95 -5.77
C TYR A 364 24.18 7.95 -5.36
N ILE A 365 24.60 9.06 -4.75
CA ILE A 365 23.65 10.11 -4.38
C ILE A 365 23.00 10.68 -5.63
N LEU A 366 23.78 10.92 -6.69
CA LEU A 366 23.24 11.50 -7.90
C LEU A 366 22.26 10.57 -8.59
N ALA A 367 22.50 9.27 -8.54
CA ALA A 367 21.59 8.32 -9.19
C ALA A 367 20.27 8.21 -8.43
N GLU A 368 20.33 8.14 -7.10
CA GLU A 368 19.11 8.00 -6.31
C GLU A 368 18.24 9.24 -6.41
N VAL A 369 18.84 10.43 -6.31
CA VAL A 369 18.07 11.66 -6.39
C VAL A 369 17.52 11.87 -7.81
N SER A 370 18.26 11.42 -8.83
CA SER A 370 17.75 11.47 -10.20
C SER A 370 16.46 10.67 -10.32
N GLN A 371 16.45 9.46 -9.78
CA GLN A 371 15.24 8.65 -9.78
C GLN A 371 14.15 9.31 -8.95
N PHE A 372 14.51 9.86 -7.79
CA PHE A 372 13.53 10.51 -6.92
C PHE A 372 12.90 11.71 -7.61
N THR A 373 13.71 12.56 -8.24
CA THR A 373 13.18 13.75 -8.88
C THR A 373 12.27 13.38 -10.05
N LEU A 374 12.77 12.57 -10.98
CA LEU A 374 11.96 12.17 -12.13
C LEU A 374 10.65 11.52 -11.70
N LEU A 375 10.69 10.76 -10.59
CA LEU A 375 9.46 10.17 -10.08
C LEU A 375 8.50 11.23 -9.57
N MET A 376 9.03 12.30 -8.96
CA MET A 376 8.17 13.32 -8.38
C MET A 376 7.58 14.26 -9.42
N VAL A 377 8.37 14.67 -10.40
CA VAL A 377 7.86 15.55 -11.46
C VAL A 377 6.81 14.83 -12.28
N PHE A 378 7.12 13.60 -12.74
CA PHE A 378 6.18 12.85 -13.56
C PHE A 378 4.93 12.40 -12.80
N ALA A 379 4.95 12.44 -11.48
CA ALA A 379 3.78 12.09 -10.69
C ALA A 379 2.82 13.26 -10.52
N HIS A 380 3.35 14.47 -10.28
CA HIS A 380 2.50 15.63 -10.12
C HIS A 380 1.75 15.98 -11.39
N TRP A 381 2.17 15.43 -12.53
CA TRP A 381 1.53 15.67 -13.82
C TRP A 381 0.57 14.54 -14.22
N LEU A 382 0.95 13.29 -13.99
CA LEU A 382 0.19 12.16 -14.49
C LEU A 382 -0.85 11.64 -13.50
N ILE A 383 -0.49 11.56 -12.22
CA ILE A 383 -1.35 10.92 -11.22
C ILE A 383 -2.65 11.70 -11.00
N PRO A 384 -2.64 13.02 -10.79
CA PRO A 384 -3.92 13.73 -10.55
C PRO A 384 -4.90 13.64 -11.71
N ALA A 385 -4.45 13.25 -12.90
CA ALA A 385 -5.30 13.18 -14.08
C ALA A 385 -5.64 11.76 -14.50
N HIS A 386 -4.72 10.81 -14.34
CA HIS A 386 -4.90 9.46 -14.83
C HIS A 386 -5.01 8.42 -13.72
N GLY A 387 -4.86 8.82 -12.46
CA GLY A 387 -4.99 7.86 -11.37
C GLY A 387 -3.87 6.83 -11.38
N ALA A 388 -4.26 5.57 -11.15
CA ALA A 388 -3.28 4.48 -11.11
C ALA A 388 -2.52 4.38 -12.43
N LEU A 389 -3.20 4.64 -13.55
CA LEU A 389 -2.50 4.66 -14.83
C LEU A 389 -1.49 5.80 -14.89
N GLY A 390 -1.76 6.92 -14.22
CA GLY A 390 -0.78 7.99 -14.16
C GLY A 390 0.47 7.58 -13.41
N ALA A 391 0.30 6.83 -12.31
CA ALA A 391 1.46 6.34 -11.58
C ALA A 391 2.24 5.32 -12.41
N ALA A 392 1.54 4.46 -13.15
CA ALA A 392 2.22 3.51 -14.02
C ALA A 392 2.85 4.21 -15.22
N GLN A 393 2.32 5.38 -15.61
CA GLN A 393 2.93 6.15 -16.68
C GLN A 393 4.12 6.97 -16.16
N ALA A 394 4.01 7.49 -14.94
CA ALA A 394 5.14 8.19 -14.33
C ALA A 394 6.29 7.23 -14.06
N TYR A 395 5.99 6.00 -13.66
CA TYR A 395 7.02 5.00 -13.45
C TYR A 395 7.75 4.66 -14.74
N MET A 396 7.04 4.68 -15.88
CA MET A 396 7.68 4.39 -17.15
C MET A 396 8.41 5.61 -17.70
N ALA A 397 7.79 6.78 -17.63
CA ALA A 397 8.45 8.00 -18.10
C ALA A 397 9.71 8.29 -17.30
N THR A 398 9.74 7.92 -16.02
CA THR A 398 10.92 8.17 -15.20
C THR A 398 12.11 7.35 -15.70
N TYR A 399 11.92 6.05 -15.89
CA TYR A 399 13.03 5.19 -16.27
C TYR A 399 13.31 5.21 -17.76
N ILE A 400 12.42 5.77 -18.58
CA ILE A 400 12.78 6.06 -19.96
C ILE A 400 13.80 7.19 -20.01
N VAL A 401 13.58 8.25 -19.23
CA VAL A 401 14.52 9.35 -19.16
C VAL A 401 15.76 8.95 -18.36
N TYR A 402 15.56 8.22 -17.26
CA TYR A 402 16.69 7.89 -16.39
C TYR A 402 17.66 6.93 -17.08
N PHE A 403 17.15 5.99 -17.88
CA PHE A 403 18.02 5.11 -18.64
C PHE A 403 18.83 5.90 -19.65
N SER A 404 18.17 6.80 -20.39
CA SER A 404 18.87 7.62 -21.38
C SER A 404 19.91 8.51 -20.71
N LEU A 405 19.58 9.06 -19.54
CA LEU A 405 20.58 9.85 -18.79
C LEU A 405 21.72 8.97 -18.33
N CYS A 406 21.43 7.75 -17.90
CA CYS A 406 22.48 6.85 -17.42
C CYS A 406 23.47 6.51 -18.53
N CYS A 407 23.00 6.39 -19.77
CA CYS A 407 23.90 6.10 -20.87
C CYS A 407 24.75 7.32 -21.22
N GLY A 408 24.14 8.51 -21.20
CA GLY A 408 24.90 9.72 -21.44
C GLY A 408 25.96 9.96 -20.38
N VAL A 409 25.60 9.75 -19.11
CA VAL A 409 26.58 9.88 -18.03
C VAL A 409 27.69 8.85 -18.18
N PHE A 410 27.33 7.63 -18.59
CA PHE A 410 28.33 6.59 -18.79
C PHE A 410 29.26 6.92 -19.94
N LEU A 411 28.70 7.42 -21.05
CA LEU A 411 29.53 7.72 -22.22
C LEU A 411 30.49 8.87 -21.95
N LEU A 412 30.04 9.88 -21.19
CA LEU A 412 30.94 10.96 -20.79
C LEU A 412 32.02 10.45 -19.85
N TRP A 413 31.64 9.61 -18.89
CA TRP A 413 32.62 9.01 -17.99
C TRP A 413 33.56 8.07 -18.72
N ARG A 414 33.07 7.39 -19.75
CA ARG A 414 33.89 6.42 -20.49
C ARG A 414 34.99 7.13 -21.27
N ARG A 415 34.66 8.27 -21.88
CA ARG A 415 35.65 9.03 -22.65
C ARG A 415 36.68 9.68 -21.73
N GLN B 3 -16.38 2.92 -4.33
CA GLN B 3 -15.81 3.46 -3.11
C GLN B 3 -16.92 3.86 -2.12
N VAL B 4 -17.06 3.07 -1.06
CA VAL B 4 -18.09 3.35 -0.06
C VAL B 4 -17.78 4.64 0.67
N GLN B 5 -18.74 5.56 0.67
CA GLN B 5 -18.58 6.87 1.29
C GLN B 5 -19.71 7.11 2.28
N LEU B 6 -19.37 7.58 3.47
CA LEU B 6 -20.32 7.74 4.57
C LEU B 6 -20.56 9.21 4.86
N VAL B 7 -21.76 9.53 5.30
CA VAL B 7 -22.17 10.88 5.65
C VAL B 7 -22.77 10.87 7.04
N GLU B 8 -22.19 11.66 7.94
CA GLU B 8 -22.72 11.78 9.29
C GLU B 8 -23.87 12.78 9.34
N SER B 9 -24.76 12.58 10.31
CA SER B 9 -25.87 13.50 10.53
C SER B 9 -26.22 13.49 12.02
N GLY B 10 -26.40 14.68 12.58
CA GLY B 10 -26.73 14.78 14.00
C GLY B 10 -25.65 15.49 14.80
N GLY B 11 -25.70 15.33 16.12
CA GLY B 11 -24.73 15.95 17.00
C GLY B 11 -25.07 17.38 17.33
N GLY B 12 -24.34 17.93 18.30
CA GLY B 12 -24.54 19.27 18.79
C GLY B 12 -24.54 19.27 20.30
N LEU B 13 -25.09 20.34 20.87
CA LEU B 13 -25.13 20.49 22.32
C LEU B 13 -26.16 19.55 22.93
N VAL B 14 -25.93 19.19 24.19
CA VAL B 14 -26.84 18.32 24.94
C VAL B 14 -26.51 18.45 26.41
N GLN B 15 -27.54 18.51 27.24
CA GLN B 15 -27.34 18.62 28.69
C GLN B 15 -26.85 17.29 29.26
N ALA B 16 -26.10 17.39 30.35
CA ALA B 16 -25.59 16.20 31.01
C ALA B 16 -26.75 15.33 31.51
N GLY B 17 -26.67 14.03 31.24
CA GLY B 17 -27.73 13.11 31.53
C GLY B 17 -28.75 12.95 30.42
N GLY B 18 -28.73 13.83 29.42
CA GLY B 18 -29.72 13.80 28.35
C GLY B 18 -29.47 12.72 27.32
N SER B 19 -29.98 12.92 26.11
CA SER B 19 -29.89 11.91 25.07
C SER B 19 -29.71 12.58 23.71
N LEU B 20 -29.24 11.78 22.75
CA LEU B 20 -28.95 12.28 21.41
C LEU B 20 -28.86 11.10 20.46
N GLY B 21 -29.41 11.26 19.26
CA GLY B 21 -29.34 10.25 18.22
C GLY B 21 -28.41 10.69 17.11
N LEU B 22 -27.58 9.76 16.63
CA LEU B 22 -26.61 10.02 15.58
C LEU B 22 -26.81 9.00 14.46
N SER B 23 -26.88 9.49 13.23
CA SER B 23 -27.12 8.64 12.06
C SER B 23 -26.01 8.82 11.05
N CYS B 24 -25.65 7.72 10.39
CA CYS B 24 -24.65 7.70 9.32
C CYS B 24 -25.27 7.07 8.08
N ALA B 25 -25.19 7.77 6.95
CA ALA B 25 -25.73 7.30 5.68
C ALA B 25 -24.59 6.92 4.75
N ALA B 26 -24.78 5.82 4.01
CA ALA B 26 -23.76 5.27 3.14
C ALA B 26 -24.27 5.20 1.71
N SER B 27 -23.44 5.68 0.77
CA SER B 27 -23.73 5.58 -0.66
C SER B 27 -22.76 4.55 -1.24
N GLY B 28 -23.24 3.33 -1.41
CA GLY B 28 -22.40 2.27 -1.93
C GLY B 28 -23.20 1.00 -2.12
N ARG B 29 -22.59 0.05 -2.83
CA ARG B 29 -23.24 -1.21 -3.16
C ARG B 29 -23.13 -2.20 -2.00
N THR B 30 -24.09 -3.12 -1.95
CA THR B 30 -24.09 -4.25 -1.01
C THR B 30 -23.77 -3.79 0.41
N PHE B 31 -24.55 -2.80 0.88
CA PHE B 31 -24.29 -2.18 2.17
C PHE B 31 -24.40 -3.19 3.32
N SER B 32 -25.27 -4.18 3.19
CA SER B 32 -25.47 -5.16 4.25
C SER B 32 -24.26 -6.06 4.46
N ASN B 33 -23.33 -6.11 3.50
CA ASN B 33 -22.14 -6.93 3.66
C ASN B 33 -21.13 -6.34 4.63
N TYR B 34 -21.27 -5.06 4.97
CA TYR B 34 -20.23 -4.34 5.68
C TYR B 34 -20.43 -4.40 7.19
N VAL B 35 -19.32 -4.50 7.91
CA VAL B 35 -19.32 -4.35 9.36
C VAL B 35 -19.28 -2.85 9.67
N MET B 36 -20.29 -2.36 10.38
CA MET B 36 -20.41 -0.95 10.67
C MET B 36 -20.15 -0.69 12.15
N ALA B 37 -19.58 0.48 12.43
CA ALA B 37 -19.14 0.81 13.77
C ALA B 37 -19.17 2.31 13.99
N TRP B 38 -19.11 2.72 15.25
CA TRP B 38 -19.01 4.11 15.64
C TRP B 38 -17.73 4.34 16.43
N PHE B 39 -17.03 5.43 16.10
CA PHE B 39 -15.82 5.81 16.80
C PHE B 39 -15.94 7.27 17.24
N ARG B 40 -15.24 7.61 18.32
CA ARG B 40 -15.18 8.98 18.81
C ARG B 40 -13.73 9.34 19.08
N GLN B 41 -13.46 10.64 19.18
CA GLN B 41 -12.10 11.11 19.33
C GLN B 41 -12.09 12.52 19.89
N ALA B 42 -11.26 12.74 20.90
CA ALA B 42 -11.01 14.03 21.53
C ALA B 42 -9.80 14.70 20.88
N PRO B 43 -9.67 16.03 20.99
CA PRO B 43 -8.55 16.73 20.33
C PRO B 43 -7.19 16.23 20.77
N GLY B 44 -6.50 15.51 19.88
CA GLY B 44 -5.15 15.02 20.12
C GLY B 44 -5.07 13.52 20.33
N LYS B 45 -6.15 12.91 20.80
CA LYS B 45 -6.16 11.48 21.09
C LYS B 45 -6.41 10.67 19.82
N GLU B 46 -6.20 9.37 19.92
CA GLU B 46 -6.52 8.45 18.84
C GLU B 46 -8.01 8.13 18.85
N ARG B 47 -8.55 7.90 17.65
CA ARG B 47 -9.97 7.56 17.52
C ARG B 47 -10.30 6.32 18.35
N GLU B 48 -11.26 6.46 19.26
CA GLU B 48 -11.58 5.41 20.20
C GLU B 48 -12.88 4.71 19.80
N PHE B 49 -12.89 3.38 19.98
CA PHE B 49 -14.06 2.58 19.64
C PHE B 49 -15.24 2.94 20.54
N VAL B 50 -16.45 2.82 20.00
CA VAL B 50 -17.67 3.09 20.75
C VAL B 50 -18.62 1.90 20.62
N ALA B 51 -19.10 1.66 19.40
CA ALA B 51 -20.06 0.59 19.16
C ALA B 51 -19.83 0.01 17.78
N ARG B 52 -20.28 -1.24 17.59
CA ARG B 52 -20.10 -1.96 16.34
C ARG B 52 -21.27 -2.93 16.17
N ILE B 53 -21.76 -3.05 14.94
CA ILE B 53 -22.85 -3.96 14.61
C ILE B 53 -22.40 -4.86 13.47
N SER B 54 -22.67 -6.16 13.59
CA SER B 54 -22.19 -7.13 12.64
C SER B 54 -22.91 -7.00 11.30
N GLU B 55 -22.43 -7.78 10.33
CA GLU B 55 -22.98 -7.77 8.97
C GLU B 55 -23.95 -8.90 8.71
N SER B 56 -24.10 -9.85 9.63
CA SER B 56 -25.01 -10.97 9.42
C SER B 56 -26.19 -10.92 10.40
N ARG B 57 -26.05 -11.60 11.54
CA ARG B 57 -27.15 -11.69 12.49
C ARG B 57 -27.44 -10.36 13.19
N GLY B 58 -26.57 -9.37 13.04
CA GLY B 58 -26.76 -8.10 13.72
C GLY B 58 -26.20 -8.03 15.11
N THR B 59 -25.20 -8.86 15.43
CA THR B 59 -24.60 -8.84 16.75
C THR B 59 -23.92 -7.50 17.01
N THR B 60 -24.07 -6.98 18.22
CA THR B 60 -23.53 -5.68 18.59
C THR B 60 -22.41 -5.83 19.61
N ASP B 61 -21.60 -4.79 19.71
CA ASP B 61 -20.46 -4.75 20.61
C ASP B 61 -20.23 -3.31 21.02
N TYR B 62 -20.12 -3.06 22.32
CA TYR B 62 -20.00 -1.71 22.85
C TYR B 62 -18.76 -1.59 23.72
N ALA B 63 -18.23 -0.38 23.78
CA ALA B 63 -17.13 -0.09 24.69
C ALA B 63 -17.61 -0.22 26.13
N ASP B 64 -16.65 -0.46 27.03
CA ASP B 64 -17.00 -0.60 28.44
C ASP B 64 -17.55 0.70 29.01
N SER B 65 -17.20 1.84 28.40
CA SER B 65 -17.61 3.15 28.89
C SER B 65 -18.92 3.63 28.29
N VAL B 66 -19.59 2.83 27.46
CA VAL B 66 -20.86 3.23 26.87
C VAL B 66 -21.87 2.10 27.01
N LYS B 67 -21.39 0.92 27.41
CA LYS B 67 -22.27 -0.24 27.55
C LYS B 67 -23.41 0.06 28.52
N GLY B 68 -24.63 -0.16 28.07
CA GLY B 68 -25.82 0.14 28.84
C GLY B 68 -26.43 1.50 28.54
N ARG B 69 -25.64 2.44 28.05
CA ARG B 69 -26.13 3.78 27.72
C ARG B 69 -26.31 3.98 26.22
N PHE B 70 -25.42 3.47 25.40
CA PHE B 70 -25.47 3.67 23.95
C PHE B 70 -26.06 2.44 23.27
N THR B 71 -26.68 2.66 22.12
CA THR B 71 -27.27 1.60 21.32
C THR B 71 -26.96 1.86 19.85
N ILE B 72 -26.49 0.83 19.15
CA ILE B 72 -26.22 0.93 17.73
C ILE B 72 -27.16 -0.02 16.99
N SER B 73 -27.55 0.38 15.78
CA SER B 73 -28.45 -0.41 14.96
C SER B 73 -28.32 0.04 13.52
N ARG B 74 -28.81 -0.80 12.62
CA ARG B 74 -28.66 -0.57 11.19
C ARG B 74 -30.00 -0.75 10.49
N ASP B 75 -30.11 -0.12 9.31
CA ASP B 75 -31.29 -0.20 8.45
C ASP B 75 -30.77 -0.43 7.03
N ASN B 76 -30.56 -1.70 6.68
CA ASN B 76 -29.92 -2.03 5.41
C ASN B 76 -30.76 -1.61 4.21
N ALA B 77 -32.07 -1.45 4.38
CA ALA B 77 -32.91 -0.99 3.28
C ALA B 77 -32.63 0.47 2.94
N LYS B 78 -32.16 1.25 3.90
CA LYS B 78 -31.89 2.68 3.69
C LYS B 78 -30.41 3.01 3.72
N ASN B 79 -29.53 2.00 3.83
CA ASN B 79 -28.09 2.20 3.82
C ASN B 79 -27.63 3.13 4.94
N THR B 80 -28.33 3.11 6.07
CA THR B 80 -28.02 3.98 7.19
C THR B 80 -27.81 3.13 8.45
N ILE B 81 -26.97 3.66 9.35
CA ILE B 81 -26.81 3.12 10.69
C ILE B 81 -27.16 4.22 11.68
N TYR B 82 -27.43 3.81 12.91
CA TYR B 82 -27.86 4.75 13.95
C TYR B 82 -27.08 4.51 15.23
N LEU B 83 -27.01 5.56 16.04
CA LEU B 83 -26.42 5.48 17.38
C LEU B 83 -27.30 6.30 18.31
N GLN B 84 -28.04 5.64 19.19
CA GLN B 84 -28.79 6.31 20.23
C GLN B 84 -27.93 6.41 21.48
N MET B 85 -27.67 7.64 21.93
CA MET B 85 -26.82 7.90 23.08
C MET B 85 -27.68 8.38 24.23
N ASN B 86 -27.71 7.62 25.31
CA ASN B 86 -28.47 7.98 26.51
C ASN B 86 -27.51 8.19 27.67
N SER B 87 -28.01 8.94 28.67
CA SER B 87 -27.28 9.20 29.91
C SER B 87 -25.90 9.79 29.62
N LEU B 88 -25.91 10.93 28.93
CA LEU B 88 -24.68 11.56 28.48
C LEU B 88 -24.00 12.30 29.64
N ASN B 89 -22.68 12.13 29.72
CA ASN B 89 -21.83 12.82 30.68
C ASN B 89 -20.75 13.59 29.93
N PRO B 90 -20.08 14.54 30.60
CA PRO B 90 -19.01 15.29 29.92
C PRO B 90 -17.92 14.42 29.32
N GLY B 91 -17.72 13.19 29.82
CA GLY B 91 -16.77 12.27 29.24
C GLY B 91 -17.13 11.76 27.86
N ASP B 92 -18.28 12.17 27.32
CA ASP B 92 -18.71 11.76 26.00
C ASP B 92 -18.57 12.87 24.96
N THR B 93 -17.96 13.99 25.33
CA THR B 93 -17.72 15.09 24.40
C THR B 93 -16.60 14.70 23.44
N ALA B 94 -16.96 14.43 22.19
CA ALA B 94 -15.98 14.02 21.19
C ALA B 94 -16.56 14.20 19.80
N VAL B 95 -15.71 14.02 18.80
CA VAL B 95 -16.13 14.00 17.40
C VAL B 95 -16.44 12.55 17.05
N TYR B 96 -17.72 12.25 16.85
CA TYR B 96 -18.14 10.88 16.57
C TYR B 96 -18.12 10.61 15.07
N SER B 97 -17.56 9.47 14.70
CA SER B 97 -17.42 9.07 13.30
C SER B 97 -17.96 7.67 13.12
N CYS B 98 -18.66 7.45 12.01
CA CYS B 98 -19.10 6.12 11.63
C CYS B 98 -18.08 5.52 10.67
N ALA B 99 -17.92 4.19 10.74
CA ALA B 99 -16.91 3.51 9.97
C ALA B 99 -17.47 2.23 9.38
N ALA B 100 -17.03 1.90 8.17
CA ALA B 100 -17.48 0.72 7.44
C ALA B 100 -16.28 -0.13 7.06
N THR B 101 -16.45 -1.45 7.14
CA THR B 101 -15.39 -2.39 6.76
C THR B 101 -16.02 -3.74 6.49
N LEU B 102 -15.23 -4.62 5.91
CA LEU B 102 -15.67 -5.97 5.62
C LEU B 102 -15.23 -6.92 6.73
N PRO B 103 -15.96 -8.02 6.92
CA PRO B 103 -15.64 -8.95 8.03
C PRO B 103 -14.19 -9.39 8.10
N ALA B 104 -13.52 -9.58 6.96
CA ALA B 104 -12.15 -10.06 6.99
C ALA B 104 -11.21 -9.06 7.65
N TRP B 105 -11.51 -7.77 7.53
CA TRP B 105 -10.65 -6.75 8.13
C TRP B 105 -10.68 -6.76 9.65
N THR B 106 -11.74 -7.32 10.25
CA THR B 106 -11.87 -7.30 11.70
C THR B 106 -11.21 -8.49 12.38
N GLY B 107 -11.11 -9.63 11.69
CA GLY B 107 -10.55 -10.79 12.34
C GLY B 107 -11.44 -11.28 13.48
N ILE B 108 -10.81 -11.90 14.48
CA ILE B 108 -11.54 -12.43 15.62
C ILE B 108 -11.47 -11.53 16.85
N ILE B 109 -10.44 -10.69 16.96
CA ILE B 109 -10.28 -9.84 18.14
C ILE B 109 -9.99 -8.40 17.73
N GLY B 110 -10.05 -8.11 16.44
CA GLY B 110 -9.68 -6.79 15.96
C GLY B 110 -10.84 -5.90 15.55
N GLY B 111 -12.01 -6.13 16.15
CA GLY B 111 -13.19 -5.37 15.78
C GLY B 111 -13.26 -3.96 16.33
N ARG B 112 -12.40 -3.61 17.29
CA ARG B 112 -12.44 -2.30 17.94
C ARG B 112 -11.28 -1.40 17.54
N ARG B 113 -10.37 -1.87 16.68
CA ARG B 113 -9.28 -0.98 16.29
C ARG B 113 -9.67 -0.17 15.06
N PRO B 114 -9.52 1.16 15.10
CA PRO B 114 -9.94 1.97 13.95
C PRO B 114 -9.17 1.68 12.67
N GLY B 115 -7.92 1.19 12.78
CA GLY B 115 -7.13 0.91 11.61
C GLY B 115 -7.68 -0.22 10.74
N ASN B 116 -8.57 -1.04 11.30
CA ASN B 116 -9.22 -2.10 10.53
C ASN B 116 -10.42 -1.60 9.74
N TYR B 117 -10.68 -0.29 9.75
CA TYR B 117 -11.79 0.30 9.02
C TYR B 117 -11.26 1.28 8.00
N PRO B 118 -11.36 1.00 6.70
CA PRO B 118 -10.75 1.88 5.69
C PRO B 118 -11.66 3.01 5.24
N TYR B 119 -12.97 2.84 5.39
CA TYR B 119 -13.95 3.81 4.94
C TYR B 119 -14.51 4.55 6.14
N TRP B 120 -14.42 5.88 6.12
CA TRP B 120 -14.79 6.70 7.26
C TRP B 120 -15.76 7.79 6.83
N GLY B 121 -16.52 8.30 7.80
CA GLY B 121 -17.38 9.43 7.59
C GLY B 121 -16.69 10.76 7.90
N GLN B 122 -17.46 11.83 7.80
CA GLN B 122 -16.92 13.18 7.96
C GLN B 122 -16.73 13.56 9.42
N GLY B 123 -17.40 12.87 10.35
CA GLY B 123 -17.32 13.24 11.74
C GLY B 123 -18.29 14.36 12.11
N THR B 124 -18.96 14.23 13.25
CA THR B 124 -19.85 15.27 13.75
C THR B 124 -19.50 15.56 15.20
N GLN B 125 -19.61 16.84 15.57
CA GLN B 125 -19.26 17.28 16.91
C GLN B 125 -20.39 16.98 17.88
N VAL B 126 -20.03 16.40 19.02
CA VAL B 126 -20.96 16.15 20.12
C VAL B 126 -20.38 16.80 21.37
N THR B 127 -21.20 17.58 22.07
CA THR B 127 -20.75 18.33 23.23
C THR B 127 -21.76 18.23 24.36
N VAL B 128 -21.28 17.83 25.53
CA VAL B 128 -22.11 17.65 26.72
C VAL B 128 -21.82 18.80 27.68
N SER B 129 -22.87 19.33 28.29
CA SER B 129 -22.76 20.48 29.19
C SER B 129 -22.61 19.99 30.63
N SER B 130 -22.85 20.88 31.59
CA SER B 130 -22.69 20.53 33.00
C SER B 130 -23.70 21.30 33.87
N VAL C 4 -19.42 4.36 -28.24
CA VAL C 4 -20.48 3.73 -27.46
C VAL C 4 -21.74 4.61 -27.48
N GLN C 5 -22.90 3.98 -27.33
CA GLN C 5 -24.18 4.68 -27.28
C GLN C 5 -24.88 4.33 -25.98
N LEU C 6 -25.44 5.34 -25.33
CA LEU C 6 -26.07 5.19 -24.03
C LEU C 6 -27.59 5.31 -24.17
N VAL C 7 -28.31 4.32 -23.65
CA VAL C 7 -29.76 4.29 -23.67
C VAL C 7 -30.22 4.16 -22.22
N GLU C 8 -30.97 5.15 -21.74
CA GLU C 8 -31.40 5.22 -20.35
C GLU C 8 -32.84 4.76 -20.21
N SER C 9 -33.22 4.48 -18.97
CA SER C 9 -34.58 4.08 -18.60
C SER C 9 -34.67 4.16 -17.08
N GLY C 10 -35.81 3.73 -16.53
CA GLY C 10 -35.97 3.61 -15.10
C GLY C 10 -36.59 4.81 -14.40
N GLY C 11 -36.74 5.94 -15.10
CA GLY C 11 -37.34 7.10 -14.50
C GLY C 11 -38.85 6.99 -14.39
N GLY C 12 -39.46 8.04 -13.88
CA GLY C 12 -40.91 8.10 -13.75
C GLY C 12 -41.31 9.00 -12.60
N LEU C 13 -42.57 8.87 -12.21
CA LEU C 13 -43.16 9.67 -11.14
C LEU C 13 -43.23 8.84 -9.86
N VAL C 14 -42.69 9.38 -8.77
CA VAL C 14 -42.65 8.70 -7.49
C VAL C 14 -42.99 9.71 -6.40
N GLN C 15 -43.38 9.20 -5.23
CA GLN C 15 -43.67 10.08 -4.11
C GLN C 15 -42.37 10.40 -3.36
N ALA C 16 -42.46 11.38 -2.46
CA ALA C 16 -41.30 11.78 -1.69
C ALA C 16 -40.93 10.69 -0.68
N GLY C 17 -39.66 10.31 -0.66
CA GLY C 17 -39.15 9.35 0.30
C GLY C 17 -39.00 7.94 -0.20
N ASP C 18 -39.45 7.64 -1.42
CA ASP C 18 -39.30 6.31 -1.99
C ASP C 18 -38.05 6.24 -2.85
N SER C 19 -37.67 5.01 -3.20
CA SER C 19 -36.47 4.75 -3.97
C SER C 19 -36.80 4.54 -5.45
N LEU C 20 -35.76 4.65 -6.27
CA LEU C 20 -35.89 4.48 -7.70
C LEU C 20 -34.50 4.22 -8.28
N THR C 21 -34.41 3.29 -9.22
CA THR C 21 -33.14 2.90 -9.82
C THR C 21 -33.17 3.26 -11.30
N LEU C 22 -32.19 4.03 -11.74
CA LEU C 22 -32.04 4.40 -13.14
C LEU C 22 -30.96 3.55 -13.80
N SER C 23 -31.25 3.06 -14.99
CA SER C 23 -30.35 2.17 -15.72
C SER C 23 -29.90 2.85 -17.01
N CYS C 24 -28.61 2.73 -17.30
CA CYS C 24 -28.01 3.26 -18.52
C CYS C 24 -27.34 2.11 -19.25
N ALA C 25 -27.95 1.67 -20.35
CA ALA C 25 -27.42 0.55 -21.13
C ALA C 25 -26.48 1.09 -22.19
N ALA C 26 -25.20 0.77 -22.06
CA ALA C 26 -24.18 1.20 -23.02
C ALA C 26 -24.03 0.12 -24.09
N SER C 27 -24.20 0.50 -25.35
CA SER C 27 -24.09 -0.42 -26.48
C SER C 27 -22.77 -0.16 -27.18
N GLY C 28 -21.86 -1.11 -27.10
CA GLY C 28 -20.55 -0.97 -27.72
C GLY C 28 -19.52 -1.81 -27.03
N ARG C 29 -18.36 -1.90 -27.67
CA ARG C 29 -17.25 -2.69 -27.16
C ARG C 29 -16.37 -1.83 -26.25
N THR C 30 -15.43 -2.51 -25.57
CA THR C 30 -14.51 -1.88 -24.62
C THR C 30 -15.25 -0.98 -23.64
N ALA C 31 -16.42 -1.45 -23.19
CA ALA C 31 -17.20 -0.69 -22.22
C ALA C 31 -16.54 -0.64 -20.84
N TYR C 32 -15.60 -1.56 -20.57
CA TYR C 32 -14.92 -1.54 -19.28
C TYR C 32 -13.93 -0.39 -19.18
N ARG C 33 -13.35 0.05 -20.30
CA ARG C 33 -12.40 1.15 -20.29
C ARG C 33 -13.05 2.52 -20.22
N TYR C 34 -14.38 2.59 -20.20
CA TYR C 34 -15.10 3.84 -20.24
C TYR C 34 -15.61 4.21 -18.85
N GLY C 35 -15.36 5.45 -18.44
CA GLY C 35 -15.91 5.97 -17.20
C GLY C 35 -17.24 6.65 -17.44
N MET C 36 -18.13 6.56 -16.45
CA MET C 36 -19.51 7.01 -16.60
C MET C 36 -19.85 8.07 -15.56
N GLY C 37 -20.82 8.91 -15.89
CA GLY C 37 -21.29 9.93 -14.99
C GLY C 37 -22.76 10.20 -15.20
N TRP C 38 -23.45 10.54 -14.11
CA TRP C 38 -24.86 10.87 -14.13
C TRP C 38 -25.03 12.37 -13.93
N PHE C 39 -25.79 13.00 -14.80
CA PHE C 39 -26.04 14.43 -14.74
C PHE C 39 -27.54 14.69 -14.65
N ARG C 40 -27.89 15.86 -14.11
CA ARG C 40 -29.28 16.28 -13.99
C ARG C 40 -29.44 17.67 -14.60
N GLN C 41 -30.62 17.94 -15.12
CA GLN C 41 -30.90 19.21 -15.78
C GLN C 41 -32.30 19.68 -15.45
N HIS C 42 -32.41 20.92 -15.01
CA HIS C 42 -33.69 21.56 -14.73
C HIS C 42 -34.18 22.28 -15.99
N PRO C 43 -35.50 22.33 -16.20
CA PRO C 43 -36.03 22.99 -17.39
C PRO C 43 -35.63 24.45 -17.48
N GLY C 44 -34.71 24.77 -18.39
CA GLY C 44 -34.22 26.11 -18.56
C GLY C 44 -32.89 26.40 -17.89
N LYS C 45 -32.31 25.43 -17.19
CA LYS C 45 -31.04 25.61 -16.51
C LYS C 45 -30.01 24.62 -17.06
N GLU C 46 -28.75 24.86 -16.73
CA GLU C 46 -27.68 24.03 -17.26
C GLU C 46 -27.62 22.69 -16.56
N ARG C 47 -26.91 21.75 -17.17
CA ARG C 47 -26.73 20.42 -16.60
C ARG C 47 -25.80 20.49 -15.40
N GLU C 48 -26.11 19.70 -14.37
CA GLU C 48 -25.31 19.69 -13.16
C GLU C 48 -24.89 18.26 -12.82
N PHE C 49 -23.78 18.16 -12.10
CA PHE C 49 -23.21 16.88 -11.75
C PHE C 49 -23.98 16.24 -10.59
N VAL C 50 -24.24 14.94 -10.71
CA VAL C 50 -24.87 14.15 -9.66
C VAL C 50 -23.91 13.10 -9.12
N ALA C 51 -23.40 12.23 -9.98
CA ALA C 51 -22.46 11.19 -9.56
C ALA C 51 -21.68 10.71 -10.76
N SER C 52 -20.52 10.12 -10.49
CA SER C 52 -19.68 9.54 -11.52
C SER C 52 -18.85 8.42 -10.91
N ILE C 53 -18.39 7.53 -11.77
CA ILE C 53 -17.53 6.41 -11.36
C ILE C 53 -16.27 6.44 -12.19
N TRP C 54 -15.14 6.15 -11.55
CA TRP C 54 -13.86 6.09 -12.24
C TRP C 54 -13.86 4.90 -13.20
N TRP C 55 -13.09 5.03 -14.29
CA TRP C 55 -13.15 4.03 -15.34
C TRP C 55 -12.70 2.66 -14.85
N THR C 56 -11.84 2.61 -13.83
CA THR C 56 -11.49 1.34 -13.21
C THR C 56 -12.56 0.82 -12.27
N GLY C 57 -13.53 1.64 -11.90
CA GLY C 57 -14.61 1.21 -11.02
C GLY C 57 -14.26 1.15 -9.55
N THR C 58 -13.11 1.68 -9.14
CA THR C 58 -12.71 1.66 -7.74
C THR C 58 -13.12 2.91 -6.98
N THR C 59 -13.30 4.03 -7.67
CA THR C 59 -13.58 5.32 -7.04
C THR C 59 -14.89 5.88 -7.59
N THR C 60 -15.72 6.40 -6.67
CA THR C 60 -16.98 7.02 -7.03
C THR C 60 -17.04 8.43 -6.43
N TYR C 61 -17.70 9.33 -7.15
CA TYR C 61 -17.79 10.73 -6.77
C TYR C 61 -19.25 11.14 -6.72
N TYR C 62 -19.61 11.91 -5.70
CA TYR C 62 -20.99 12.36 -5.51
C TYR C 62 -21.00 13.83 -5.14
N ALA C 63 -22.12 14.49 -5.44
CA ALA C 63 -22.31 15.87 -5.02
C ALA C 63 -22.81 15.93 -3.59
N ASP C 64 -22.67 17.11 -2.98
CA ASP C 64 -23.06 17.28 -1.58
C ASP C 64 -24.55 16.99 -1.40
N SER C 65 -25.40 17.52 -2.29
CA SER C 65 -26.83 17.26 -2.24
C SER C 65 -27.18 15.81 -2.54
N VAL C 66 -26.19 14.97 -2.87
CA VAL C 66 -26.42 13.62 -3.35
C VAL C 66 -25.81 12.57 -2.42
N LYS C 67 -24.62 12.87 -1.88
CA LYS C 67 -23.85 11.88 -1.14
C LYS C 67 -24.66 11.30 0.02
N GLY C 68 -24.59 9.97 0.18
CA GLY C 68 -25.32 9.26 1.18
C GLY C 68 -26.71 8.81 0.75
N ARG C 69 -27.31 9.50 -0.22
CA ARG C 69 -28.65 9.16 -0.68
C ARG C 69 -28.60 8.27 -1.93
N PHE C 70 -27.90 8.72 -2.98
CA PHE C 70 -27.85 7.99 -4.22
C PHE C 70 -26.55 7.19 -4.31
N THR C 71 -26.59 6.09 -5.05
CA THR C 71 -25.45 5.20 -5.23
C THR C 71 -25.29 4.86 -6.70
N ILE C 72 -24.10 5.09 -7.23
CA ILE C 72 -23.79 4.77 -8.61
C ILE C 72 -22.95 3.48 -8.63
N SER C 73 -23.29 2.58 -9.56
CA SER C 73 -22.59 1.32 -9.68
C SER C 73 -22.56 0.92 -11.14
N ARG C 74 -21.83 -0.16 -11.43
CA ARG C 74 -21.66 -0.64 -12.79
C ARG C 74 -21.75 -2.16 -12.81
N ASP C 75 -22.26 -2.69 -13.92
CA ASP C 75 -22.29 -4.13 -14.17
C ASP C 75 -21.67 -4.35 -15.55
N ASP C 76 -20.38 -4.71 -15.57
CA ASP C 76 -19.66 -4.84 -16.83
C ASP C 76 -20.08 -6.07 -17.61
N VAL C 77 -20.75 -7.04 -16.97
CA VAL C 77 -21.23 -8.20 -17.70
C VAL C 77 -22.37 -7.82 -18.63
N LYS C 78 -23.23 -6.90 -18.19
CA LYS C 78 -24.36 -6.43 -18.99
C LYS C 78 -24.14 -5.05 -19.58
N ASN C 79 -22.95 -4.46 -19.38
CA ASN C 79 -22.64 -3.12 -19.88
C ASN C 79 -23.66 -2.10 -19.41
N MET C 80 -24.07 -2.21 -18.15
CA MET C 80 -25.09 -1.35 -17.57
C MET C 80 -24.50 -0.51 -16.44
N VAL C 81 -24.98 0.73 -16.34
CA VAL C 81 -24.63 1.64 -15.26
C VAL C 81 -25.92 2.01 -14.53
N TYR C 82 -25.87 1.99 -13.21
CA TYR C 82 -27.04 2.20 -12.38
C TYR C 82 -26.87 3.42 -11.48
N LEU C 83 -27.99 4.04 -11.14
CA LEU C 83 -28.04 5.12 -10.15
C LEU C 83 -29.17 4.77 -9.18
N GLN C 84 -28.82 4.09 -8.09
CA GLN C 84 -29.80 3.72 -7.08
C GLN C 84 -30.11 4.94 -6.22
N MET C 85 -31.31 5.50 -6.39
CA MET C 85 -31.76 6.64 -5.60
C MET C 85 -32.66 6.14 -4.49
N ASN C 86 -32.44 6.64 -3.27
CA ASN C 86 -33.06 6.08 -2.08
C ASN C 86 -34.07 7.04 -1.46
N SER C 87 -33.62 8.13 -0.83
CA SER C 87 -34.52 9.07 -0.17
C SER C 87 -34.83 10.21 -1.12
N LEU C 88 -35.73 9.96 -2.04
CA LEU C 88 -36.07 10.92 -3.07
C LEU C 88 -36.89 12.07 -2.49
N LYS C 89 -36.58 13.29 -2.94
CA LYS C 89 -37.19 14.51 -2.47
C LYS C 89 -37.47 15.38 -3.68
N PRO C 90 -38.48 16.28 -3.59
CA PRO C 90 -38.87 17.09 -4.76
C PRO C 90 -37.71 17.85 -5.41
N GLU C 91 -36.65 18.09 -4.64
CA GLU C 91 -35.50 18.80 -5.17
C GLU C 91 -34.75 17.99 -6.22
N ASP C 92 -34.97 16.67 -6.27
CA ASP C 92 -34.36 15.81 -7.26
C ASP C 92 -35.14 15.75 -8.57
N THR C 93 -36.24 16.49 -8.67
CA THR C 93 -37.05 16.48 -9.89
C THR C 93 -36.29 17.17 -11.01
N ALA C 94 -35.88 16.40 -12.02
CA ALA C 94 -35.12 16.93 -13.15
C ALA C 94 -35.07 15.85 -14.22
N VAL C 95 -34.40 16.16 -15.32
CA VAL C 95 -34.09 15.18 -16.37
C VAL C 95 -32.69 14.64 -16.09
N TYR C 96 -32.57 13.32 -16.01
CA TYR C 96 -31.32 12.68 -15.65
C TYR C 96 -30.65 12.10 -16.90
N TYR C 97 -29.40 12.49 -17.12
CA TYR C 97 -28.61 12.02 -18.23
C TYR C 97 -27.44 11.18 -17.72
N CYS C 98 -27.18 10.06 -18.40
CA CYS C 98 -25.95 9.31 -18.17
C CYS C 98 -24.97 9.64 -19.29
N ALA C 99 -23.70 9.81 -18.92
CA ALA C 99 -22.65 10.19 -19.86
C ALA C 99 -21.48 9.22 -19.74
N ALA C 100 -20.63 9.22 -20.75
CA ALA C 100 -19.50 8.30 -20.81
C ALA C 100 -18.25 9.03 -21.29
N LYS C 101 -17.10 8.50 -20.89
CA LYS C 101 -15.81 9.05 -21.29
C LYS C 101 -14.75 7.95 -21.21
N PHE C 102 -13.89 7.89 -22.23
CA PHE C 102 -12.84 6.88 -22.28
C PHE C 102 -11.72 7.27 -21.33
N TYR C 103 -11.36 6.35 -20.43
CA TYR C 103 -10.35 6.60 -19.40
C TYR C 103 -10.69 7.84 -18.57
N GLY C 104 -11.99 8.11 -18.40
CA GLY C 104 -12.43 9.26 -17.63
C GLY C 104 -13.38 8.88 -16.51
N GLY C 105 -14.26 9.80 -16.13
CA GLY C 105 -15.19 9.58 -15.05
C GLY C 105 -14.80 10.23 -13.73
N ASN C 106 -13.91 11.21 -13.74
CA ASN C 106 -13.46 11.89 -12.53
C ASN C 106 -13.60 13.40 -12.66
N SER C 107 -14.55 13.85 -13.48
CA SER C 107 -14.80 15.27 -13.67
C SER C 107 -16.24 15.61 -13.28
N LYS C 108 -16.45 16.86 -12.90
CA LYS C 108 -17.78 17.37 -12.64
C LYS C 108 -18.38 18.13 -13.81
N ARG C 109 -17.56 18.51 -14.79
CA ARG C 109 -18.03 19.28 -15.93
C ARG C 109 -18.61 18.37 -17.00
N PRO C 110 -19.71 18.77 -17.63
CA PRO C 110 -20.27 17.95 -18.71
C PRO C 110 -19.37 17.91 -19.94
N GLY C 111 -18.54 18.93 -20.16
CA GLY C 111 -17.66 18.95 -21.31
C GLY C 111 -16.60 17.87 -21.29
N ASP C 112 -16.36 17.25 -20.13
CA ASP C 112 -15.41 16.16 -20.01
C ASP C 112 -16.06 14.79 -20.25
N TYR C 113 -17.19 14.76 -20.95
CA TYR C 113 -17.89 13.52 -21.26
C TYR C 113 -18.32 13.57 -22.72
N ALA C 114 -17.85 12.59 -23.51
CA ALA C 114 -18.07 12.62 -24.95
C ALA C 114 -19.46 12.14 -25.34
N TYR C 115 -19.84 10.95 -24.87
CA TYR C 115 -21.10 10.34 -25.27
C TYR C 115 -22.16 10.59 -24.20
N TRP C 116 -23.40 10.79 -24.64
CA TRP C 116 -24.52 11.09 -23.77
C TRP C 116 -25.70 10.19 -24.10
N GLY C 117 -26.62 10.10 -23.14
CA GLY C 117 -27.86 9.37 -23.33
C GLY C 117 -29.03 10.31 -23.60
N GLN C 118 -30.14 9.71 -24.03
CA GLN C 118 -31.32 10.49 -24.40
C GLN C 118 -31.96 11.19 -23.21
N GLY C 119 -31.69 10.73 -21.98
CA GLY C 119 -32.24 11.36 -20.81
C GLY C 119 -33.57 10.78 -20.37
N THR C 120 -33.78 10.71 -19.06
CA THR C 120 -35.02 10.20 -18.50
C THR C 120 -35.52 11.15 -17.42
N GLN C 121 -36.82 11.41 -17.42
CA GLN C 121 -37.42 12.37 -16.51
C GLN C 121 -37.82 11.69 -15.21
N VAL C 122 -37.37 12.23 -14.09
CA VAL C 122 -37.73 11.76 -12.76
C VAL C 122 -38.42 12.91 -12.05
N THR C 123 -39.72 12.75 -11.79
CA THR C 123 -40.49 13.71 -11.02
C THR C 123 -40.90 13.07 -9.70
N VAL C 124 -40.86 13.84 -8.63
CA VAL C 124 -41.24 13.38 -7.31
C VAL C 124 -42.08 14.45 -6.63
N SER C 125 -43.25 14.07 -6.12
CA SER C 125 -44.24 14.99 -5.59
C SER C 125 -44.09 15.11 -4.08
N SER C 126 -45.07 15.76 -3.45
CA SER C 126 -45.09 15.99 -2.01
C SER C 126 -43.84 16.73 -1.53
#